data_1DFT
# 
_entry.id   1DFT 
# 
_audit_conform.dict_name       mmcif_pdbx.dic 
_audit_conform.dict_version    5.392 
_audit_conform.dict_location   http://mmcif.pdb.org/dictionaries/ascii/mmcif_pdbx.dic 
# 
loop_
_database_2.database_id 
_database_2.database_code 
_database_2.pdbx_database_accession 
_database_2.pdbx_DOI 
PDB   1DFT         pdb_00001dft 10.2210/pdb1dft/pdb 
RCSB  RCSB010046   ?            ?                   
WWPDB D_1000010046 ?            ?                   
# 
loop_
_pdbx_audit_revision_history.ordinal 
_pdbx_audit_revision_history.data_content_type 
_pdbx_audit_revision_history.major_revision 
_pdbx_audit_revision_history.minor_revision 
_pdbx_audit_revision_history.revision_date 
1 'Structure model' 1 0 1999-12-01 
2 'Structure model' 1 1 2008-04-27 
3 'Structure model' 1 2 2011-07-13 
4 'Structure model' 1 3 2022-02-16 
5 'Structure model' 1 4 2024-05-22 
# 
_pdbx_audit_revision_details.ordinal             1 
_pdbx_audit_revision_details.revision_ordinal    1 
_pdbx_audit_revision_details.data_content_type   'Structure model' 
_pdbx_audit_revision_details.provider            repository 
_pdbx_audit_revision_details.type                'Initial release' 
_pdbx_audit_revision_details.description         ? 
_pdbx_audit_revision_details.details             ? 
# 
loop_
_pdbx_audit_revision_group.ordinal 
_pdbx_audit_revision_group.revision_ordinal 
_pdbx_audit_revision_group.data_content_type 
_pdbx_audit_revision_group.group 
1 2 'Structure model' 'Version format compliance' 
2 3 'Structure model' 'Version format compliance' 
3 4 'Structure model' 'Database references'       
4 4 'Structure model' 'Derived calculations'      
5 5 'Structure model' 'Data collection'           
# 
loop_
_pdbx_audit_revision_category.ordinal 
_pdbx_audit_revision_category.revision_ordinal 
_pdbx_audit_revision_category.data_content_type 
_pdbx_audit_revision_category.category 
1 4 'Structure model' database_2             
2 4 'Structure model' pdbx_struct_assembly   
3 4 'Structure model' pdbx_struct_conn_angle 
4 4 'Structure model' pdbx_struct_oper_list  
5 4 'Structure model' struct_conn            
6 4 'Structure model' struct_site            
7 5 'Structure model' chem_comp_atom         
8 5 'Structure model' chem_comp_bond         
# 
loop_
_pdbx_audit_revision_item.ordinal 
_pdbx_audit_revision_item.revision_ordinal 
_pdbx_audit_revision_item.data_content_type 
_pdbx_audit_revision_item.item 
1  4 'Structure model' '_database_2.pdbx_DOI'                        
2  4 'Structure model' '_database_2.pdbx_database_accession'         
3  4 'Structure model' '_pdbx_struct_conn_angle.ptnr1_auth_seq_id'   
4  4 'Structure model' '_pdbx_struct_conn_angle.ptnr1_label_seq_id'  
5  4 'Structure model' '_pdbx_struct_conn_angle.ptnr2_auth_seq_id'   
6  4 'Structure model' '_pdbx_struct_conn_angle.ptnr2_label_asym_id' 
7  4 'Structure model' '_pdbx_struct_conn_angle.ptnr3_auth_seq_id'   
8  4 'Structure model' '_pdbx_struct_conn_angle.ptnr3_label_seq_id'  
9  4 'Structure model' '_pdbx_struct_conn_angle.value'               
10 4 'Structure model' '_struct_conn.pdbx_dist_value'                
11 4 'Structure model' '_struct_conn.ptnr1_auth_comp_id'             
12 4 'Structure model' '_struct_conn.ptnr1_auth_seq_id'              
13 4 'Structure model' '_struct_conn.ptnr1_label_asym_id'            
14 4 'Structure model' '_struct_conn.ptnr1_label_atom_id'            
15 4 'Structure model' '_struct_conn.ptnr1_label_comp_id'            
16 4 'Structure model' '_struct_conn.ptnr1_label_seq_id'             
17 4 'Structure model' '_struct_conn.ptnr2_auth_comp_id'             
18 4 'Structure model' '_struct_conn.ptnr2_auth_seq_id'              
19 4 'Structure model' '_struct_conn.ptnr2_label_asym_id'            
20 4 'Structure model' '_struct_conn.ptnr2_label_atom_id'            
21 4 'Structure model' '_struct_conn.ptnr2_label_comp_id'            
22 4 'Structure model' '_struct_conn.ptnr2_label_seq_id'             
23 4 'Structure model' '_struct_site.pdbx_auth_asym_id'              
24 4 'Structure model' '_struct_site.pdbx_auth_comp_id'              
25 4 'Structure model' '_struct_site.pdbx_auth_seq_id'               
# 
_pdbx_database_status.status_code                     REL 
_pdbx_database_status.entry_id                        1DFT 
_pdbx_database_status.recvd_initial_deposition_date   1999-11-20 
_pdbx_database_status.deposit_site                    RCSB 
_pdbx_database_status.process_site                    RCSB 
_pdbx_database_status.status_code_mr                  REL 
_pdbx_database_status.SG_entry                        . 
_pdbx_database_status.pdb_format_compatible           Y 
_pdbx_database_status.status_code_sf                  ? 
_pdbx_database_status.status_code_cs                  ? 
_pdbx_database_status.status_code_nmr_data            ? 
_pdbx_database_status.methods_development_category    ? 
# 
_pdbx_database_related.db_name        PDB 
_pdbx_database_related.db_id          1DFS 
_pdbx_database_related.details        '1DFS CONTAINS THE ALPHA-DOMAIN OF MOUSE METALLOTHIONEIN-1' 
_pdbx_database_related.content_type   unspecified 
# 
loop_
_audit_author.name 
_audit_author.pdbx_ordinal 
'Zangger, K.'    1 
'Oz, G.'         2 
'Otvos, J.D.'    3 
'Armitage, I.M.' 4 
# 
_citation.id                        primary 
_citation.title                     
'Three-dimensional solution structure of mouse [Cd7]-metallothionein-1 by homonuclear and heteronuclear NMR spectroscopy.' 
_citation.journal_abbrev            'Protein Sci.' 
_citation.journal_volume            8 
_citation.page_first                2630 
_citation.page_last                 2638 
_citation.year                      1999 
_citation.journal_id_ASTM           PRCIEI 
_citation.country                   US 
_citation.journal_id_ISSN           0961-8368 
_citation.journal_id_CSD            0795 
_citation.book_publisher            ? 
_citation.pdbx_database_id_PubMed   10631978 
_citation.pdbx_database_id_DOI      ? 
# 
loop_
_citation_author.citation_id 
_citation_author.name 
_citation_author.ordinal 
_citation_author.identifier_ORCID 
primary 'Zangger, K.'    1 ? 
primary 'Oz, G.'         2 ? 
primary 'Otvos, J.D.'    3 ? 
primary 'Armitage, I.M.' 4 ? 
# 
loop_
_entity.id 
_entity.type 
_entity.src_method 
_entity.pdbx_description 
_entity.formula_weight 
_entity.pdbx_number_of_molecules 
_entity.pdbx_ec 
_entity.pdbx_mutation 
_entity.pdbx_fragment 
_entity.details 
1 polymer     man METALLOTHIONEIN-1 3017.507 1 ? ? 'N-TERMINAL DOMAIN (BETA)' ? 
2 non-polymer syn 'CADMIUM ION'     112.411  3 ? ? ?                          ? 
# 
_entity_poly.entity_id                      1 
_entity_poly.type                           'polypeptide(L)' 
_entity_poly.nstd_linkage                   no 
_entity_poly.nstd_monomer                   no 
_entity_poly.pdbx_seq_one_letter_code       MDPNCSCSTGGSCTCTSSCACKNCKCTSCK 
_entity_poly.pdbx_seq_one_letter_code_can   MDPNCSCSTGGSCTCTSSCACKNCKCTSCK 
_entity_poly.pdbx_strand_id                 A 
_entity_poly.pdbx_target_identifier         ? 
# 
_pdbx_entity_nonpoly.entity_id   2 
_pdbx_entity_nonpoly.name        'CADMIUM ION' 
_pdbx_entity_nonpoly.comp_id     CD 
# 
loop_
_entity_poly_seq.entity_id 
_entity_poly_seq.num 
_entity_poly_seq.mon_id 
_entity_poly_seq.hetero 
1 1  MET n 
1 2  ASP n 
1 3  PRO n 
1 4  ASN n 
1 5  CYS n 
1 6  SER n 
1 7  CYS n 
1 8  SER n 
1 9  THR n 
1 10 GLY n 
1 11 GLY n 
1 12 SER n 
1 13 CYS n 
1 14 THR n 
1 15 CYS n 
1 16 THR n 
1 17 SER n 
1 18 SER n 
1 19 CYS n 
1 20 ALA n 
1 21 CYS n 
1 22 LYS n 
1 23 ASN n 
1 24 CYS n 
1 25 LYS n 
1 26 CYS n 
1 27 THR n 
1 28 SER n 
1 29 CYS n 
1 30 LYS n 
# 
_entity_src_gen.entity_id                          1 
_entity_src_gen.pdbx_src_id                        1 
_entity_src_gen.pdbx_alt_source_flag               sample 
_entity_src_gen.pdbx_seq_type                      ? 
_entity_src_gen.pdbx_beg_seq_num                   ? 
_entity_src_gen.pdbx_end_seq_num                   ? 
_entity_src_gen.gene_src_common_name               'house mouse' 
_entity_src_gen.gene_src_genus                     Mus 
_entity_src_gen.pdbx_gene_src_gene                 ? 
_entity_src_gen.gene_src_species                   ? 
_entity_src_gen.gene_src_strain                    ? 
_entity_src_gen.gene_src_tissue                    ? 
_entity_src_gen.gene_src_tissue_fraction           ? 
_entity_src_gen.gene_src_details                   ? 
_entity_src_gen.pdbx_gene_src_fragment             ? 
_entity_src_gen.pdbx_gene_src_scientific_name      'Mus musculus' 
_entity_src_gen.pdbx_gene_src_ncbi_taxonomy_id     10090 
_entity_src_gen.pdbx_gene_src_variant              ? 
_entity_src_gen.pdbx_gene_src_cell_line            ? 
_entity_src_gen.pdbx_gene_src_atcc                 ? 
_entity_src_gen.pdbx_gene_src_organ                ? 
_entity_src_gen.pdbx_gene_src_organelle            ? 
_entity_src_gen.pdbx_gene_src_cell                 ? 
_entity_src_gen.pdbx_gene_src_cellular_location    ? 
_entity_src_gen.host_org_common_name               ? 
_entity_src_gen.pdbx_host_org_scientific_name      'Escherichia coli' 
_entity_src_gen.pdbx_host_org_ncbi_taxonomy_id     562 
_entity_src_gen.host_org_genus                     Escherichia 
_entity_src_gen.pdbx_host_org_gene                 ? 
_entity_src_gen.pdbx_host_org_organ                ? 
_entity_src_gen.host_org_species                   ? 
_entity_src_gen.pdbx_host_org_tissue               ? 
_entity_src_gen.pdbx_host_org_tissue_fraction      ? 
_entity_src_gen.pdbx_host_org_strain               ? 
_entity_src_gen.pdbx_host_org_variant              ? 
_entity_src_gen.pdbx_host_org_cell_line            ? 
_entity_src_gen.pdbx_host_org_atcc                 ? 
_entity_src_gen.pdbx_host_org_culture_collection   ? 
_entity_src_gen.pdbx_host_org_cell                 ? 
_entity_src_gen.pdbx_host_org_organelle            ? 
_entity_src_gen.pdbx_host_org_cellular_location    ? 
_entity_src_gen.pdbx_host_org_vector_type          PLASMID 
_entity_src_gen.pdbx_host_org_vector               ? 
_entity_src_gen.host_org_details                   ? 
_entity_src_gen.expression_system_id               ? 
_entity_src_gen.plasmid_name                       PET3D 
_entity_src_gen.plasmid_details                    ? 
_entity_src_gen.pdbx_description                   ? 
# 
loop_
_chem_comp.id 
_chem_comp.type 
_chem_comp.mon_nstd_flag 
_chem_comp.name 
_chem_comp.pdbx_synonyms 
_chem_comp.formula 
_chem_comp.formula_weight 
ALA 'L-peptide linking' y ALANINE         ? 'C3 H7 N O2'     89.093  
ASN 'L-peptide linking' y ASPARAGINE      ? 'C4 H8 N2 O3'    132.118 
ASP 'L-peptide linking' y 'ASPARTIC ACID' ? 'C4 H7 N O4'     133.103 
CD  non-polymer         . 'CADMIUM ION'   ? 'Cd 2'           112.411 
CYS 'L-peptide linking' y CYSTEINE        ? 'C3 H7 N O2 S'   121.158 
GLY 'peptide linking'   y GLYCINE         ? 'C2 H5 N O2'     75.067  
LYS 'L-peptide linking' y LYSINE          ? 'C6 H15 N2 O2 1' 147.195 
MET 'L-peptide linking' y METHIONINE      ? 'C5 H11 N O2 S'  149.211 
PRO 'L-peptide linking' y PROLINE         ? 'C5 H9 N O2'     115.130 
SER 'L-peptide linking' y SERINE          ? 'C3 H7 N O3'     105.093 
THR 'L-peptide linking' y THREONINE       ? 'C4 H9 N O3'     119.119 
# 
loop_
_pdbx_poly_seq_scheme.asym_id 
_pdbx_poly_seq_scheme.entity_id 
_pdbx_poly_seq_scheme.seq_id 
_pdbx_poly_seq_scheme.mon_id 
_pdbx_poly_seq_scheme.ndb_seq_num 
_pdbx_poly_seq_scheme.pdb_seq_num 
_pdbx_poly_seq_scheme.auth_seq_num 
_pdbx_poly_seq_scheme.pdb_mon_id 
_pdbx_poly_seq_scheme.auth_mon_id 
_pdbx_poly_seq_scheme.pdb_strand_id 
_pdbx_poly_seq_scheme.pdb_ins_code 
_pdbx_poly_seq_scheme.hetero 
A 1 1  MET 1  1  1  MET MET A . n 
A 1 2  ASP 2  2  2  ASP ASP A . n 
A 1 3  PRO 3  3  3  PRO PRO A . n 
A 1 4  ASN 4  4  4  ASN ASN A . n 
A 1 5  CYS 5  5  5  CYS CYS A . n 
A 1 6  SER 6  6  6  SER SER A . n 
A 1 7  CYS 7  7  7  CYS CYS A . n 
A 1 8  SER 8  8  8  SER SER A . n 
A 1 9  THR 9  9  9  THR THR A . n 
A 1 10 GLY 10 10 10 GLY GLY A . n 
A 1 11 GLY 11 11 11 GLY GLY A . n 
A 1 12 SER 12 12 12 SER SER A . n 
A 1 13 CYS 13 13 13 CYS CYS A . n 
A 1 14 THR 14 14 14 THR THR A . n 
A 1 15 CYS 15 15 15 CYS CYS A . n 
A 1 16 THR 16 16 16 THR THR A . n 
A 1 17 SER 17 17 17 SER SER A . n 
A 1 18 SER 18 18 18 SER SER A . n 
A 1 19 CYS 19 19 19 CYS CYS A . n 
A 1 20 ALA 20 20 20 ALA ALA A . n 
A 1 21 CYS 21 21 21 CYS CYS A . n 
A 1 22 LYS 22 22 22 LYS LYS A . n 
A 1 23 ASN 23 23 23 ASN ASN A . n 
A 1 24 CYS 24 24 24 CYS CYS A . n 
A 1 25 LYS 25 25 25 LYS LYS A . n 
A 1 26 CYS 26 26 26 CYS CYS A . n 
A 1 27 THR 27 27 27 THR THR A . n 
A 1 28 SER 28 28 28 SER SER A . n 
A 1 29 CYS 29 29 29 CYS CYS A . n 
A 1 30 LYS 30 30 30 LYS LYS A . n 
# 
loop_
_pdbx_nonpoly_scheme.asym_id 
_pdbx_nonpoly_scheme.entity_id 
_pdbx_nonpoly_scheme.mon_id 
_pdbx_nonpoly_scheme.ndb_seq_num 
_pdbx_nonpoly_scheme.pdb_seq_num 
_pdbx_nonpoly_scheme.auth_seq_num 
_pdbx_nonpoly_scheme.pdb_mon_id 
_pdbx_nonpoly_scheme.auth_mon_id 
_pdbx_nonpoly_scheme.pdb_strand_id 
_pdbx_nonpoly_scheme.pdb_ins_code 
B 2 CD 1 31 31 CD KDS A . 
C 2 CD 1 32 31 CD KDS A . 
D 2 CD 1 33 31 CD KDS A . 
# 
_cell.entry_id           1DFT 
_cell.length_a           1.000 
_cell.length_b           1.000 
_cell.length_c           1.000 
_cell.angle_alpha        90.00 
_cell.angle_beta         90.00 
_cell.angle_gamma        90.00 
_cell.Z_PDB              1 
_cell.pdbx_unique_axis   ? 
# 
_symmetry.entry_id                         1DFT 
_symmetry.space_group_name_H-M             'P 1' 
_symmetry.pdbx_full_space_group_name_H-M   ? 
_symmetry.cell_setting                     ? 
_symmetry.Int_Tables_number                1 
# 
_exptl.entry_id          1DFT 
_exptl.method            'SOLUTION NMR' 
_exptl.crystals_number   ? 
# 
_struct.entry_id                  1DFT 
_struct.title                     'SOLUTION STRUCTURE OF THE BETA-DOMAIN OF MOUSE METALLOTHIONEIN-1' 
_struct.pdbx_model_details        ? 
_struct.pdbx_CASP_flag            ? 
_struct.pdbx_model_type_details   'minimized average' 
# 
_struct_keywords.entry_id        1DFT 
_struct_keywords.pdbx_keywords   'METAL BINDING PROTEIN' 
_struct_keywords.text            'HALF TURN, CD-S CLUSTER, METAL BINDING PROTEIN' 
# 
loop_
_struct_asym.id 
_struct_asym.pdbx_blank_PDB_chainid_flag 
_struct_asym.pdbx_modified 
_struct_asym.entity_id 
_struct_asym.details 
A N N 1 ? 
B N N 2 ? 
C N N 2 ? 
D N N 2 ? 
# 
_struct_ref.id                         1 
_struct_ref.db_name                    UNP 
_struct_ref.db_code                    MT1_MOUSE 
_struct_ref.entity_id                  1 
_struct_ref.pdbx_db_accession          P02802 
_struct_ref.pdbx_db_isoform            ? 
_struct_ref.pdbx_seq_one_letter_code   ? 
_struct_ref.pdbx_align_begin           ? 
# 
_struct_ref_seq.align_id                      1 
_struct_ref_seq.ref_id                        1 
_struct_ref_seq.pdbx_PDB_id_code              1DFT 
_struct_ref_seq.pdbx_strand_id                A 
_struct_ref_seq.seq_align_beg                 1 
_struct_ref_seq.pdbx_seq_align_beg_ins_code   ? 
_struct_ref_seq.seq_align_end                 30 
_struct_ref_seq.pdbx_seq_align_end_ins_code   ? 
_struct_ref_seq.pdbx_db_accession             P02802 
_struct_ref_seq.db_align_beg                  1 
_struct_ref_seq.pdbx_db_align_beg_ins_code    ? 
_struct_ref_seq.db_align_end                  30 
_struct_ref_seq.pdbx_db_align_end_ins_code    ? 
_struct_ref_seq.pdbx_auth_seq_align_beg       1 
_struct_ref_seq.pdbx_auth_seq_align_end       30 
# 
_pdbx_struct_assembly.id                   1 
_pdbx_struct_assembly.details              author_defined_assembly 
_pdbx_struct_assembly.method_details       ? 
_pdbx_struct_assembly.oligomeric_details   monomeric 
_pdbx_struct_assembly.oligomeric_count     1 
# 
_pdbx_struct_assembly_gen.assembly_id       1 
_pdbx_struct_assembly_gen.oper_expression   1 
_pdbx_struct_assembly_gen.asym_id_list      A,B,C,D 
# 
_pdbx_struct_oper_list.id                   1 
_pdbx_struct_oper_list.type                 'identity operation' 
_pdbx_struct_oper_list.name                 1_555 
_pdbx_struct_oper_list.symmetry_operation   x,y,z 
_pdbx_struct_oper_list.matrix[1][1]         1.0000000000 
_pdbx_struct_oper_list.matrix[1][2]         0.0000000000 
_pdbx_struct_oper_list.matrix[1][3]         0.0000000000 
_pdbx_struct_oper_list.vector[1]            0.0000000000 
_pdbx_struct_oper_list.matrix[2][1]         0.0000000000 
_pdbx_struct_oper_list.matrix[2][2]         1.0000000000 
_pdbx_struct_oper_list.matrix[2][3]         0.0000000000 
_pdbx_struct_oper_list.vector[2]            0.0000000000 
_pdbx_struct_oper_list.matrix[3][1]         0.0000000000 
_pdbx_struct_oper_list.matrix[3][2]         0.0000000000 
_pdbx_struct_oper_list.matrix[3][3]         1.0000000000 
_pdbx_struct_oper_list.vector[3]            0.0000000000 
# 
_struct_biol.id   1 
# 
loop_
_struct_conn.id 
_struct_conn.conn_type_id 
_struct_conn.pdbx_leaving_atom_flag 
_struct_conn.pdbx_PDB_id 
_struct_conn.ptnr1_label_asym_id 
_struct_conn.ptnr1_label_comp_id 
_struct_conn.ptnr1_label_seq_id 
_struct_conn.ptnr1_label_atom_id 
_struct_conn.pdbx_ptnr1_label_alt_id 
_struct_conn.pdbx_ptnr1_PDB_ins_code 
_struct_conn.pdbx_ptnr1_standard_comp_id 
_struct_conn.ptnr1_symmetry 
_struct_conn.ptnr2_label_asym_id 
_struct_conn.ptnr2_label_comp_id 
_struct_conn.ptnr2_label_seq_id 
_struct_conn.ptnr2_label_atom_id 
_struct_conn.pdbx_ptnr2_label_alt_id 
_struct_conn.pdbx_ptnr2_PDB_ins_code 
_struct_conn.ptnr1_auth_asym_id 
_struct_conn.ptnr1_auth_comp_id 
_struct_conn.ptnr1_auth_seq_id 
_struct_conn.ptnr2_auth_asym_id 
_struct_conn.ptnr2_auth_comp_id 
_struct_conn.ptnr2_auth_seq_id 
_struct_conn.ptnr2_symmetry 
_struct_conn.pdbx_ptnr3_label_atom_id 
_struct_conn.pdbx_ptnr3_label_seq_id 
_struct_conn.pdbx_ptnr3_label_comp_id 
_struct_conn.pdbx_ptnr3_label_asym_id 
_struct_conn.pdbx_ptnr3_label_alt_id 
_struct_conn.pdbx_ptnr3_PDB_ins_code 
_struct_conn.details 
_struct_conn.pdbx_dist_value 
_struct_conn.pdbx_value_order 
_struct_conn.pdbx_role 
metalc1  metalc ? ? A CYS 5  SG ? ? ? 1_555 C CD . CD ? ? A CYS 5  A CD 32 1_555 ? ? ? ? ? ? ? 2.566 ? ? 
metalc2  metalc ? ? A CYS 7  SG ? ? ? 1_555 C CD . CD ? ? A CYS 7  A CD 32 1_555 ? ? ? ? ? ? ? 2.545 ? ? 
metalc3  metalc ? ? A CYS 7  SG ? ? ? 1_555 D CD . CD ? ? A CYS 7  A CD 33 1_555 ? ? ? ? ? ? ? 2.551 ? ? 
metalc4  metalc ? ? A CYS 13 SG ? ? ? 1_555 D CD . CD ? ? A CYS 13 A CD 33 1_555 ? ? ? ? ? ? ? 2.543 ? ? 
metalc5  metalc ? ? A CYS 15 SG ? ? ? 1_555 B CD . CD ? ? A CYS 15 A CD 31 1_555 ? ? ? ? ? ? ? 2.564 ? ? 
metalc6  metalc ? ? A CYS 15 SG ? ? ? 1_555 D CD . CD ? ? A CYS 15 A CD 33 1_555 ? ? ? ? ? ? ? 2.550 ? ? 
metalc7  metalc ? ? A CYS 19 SG ? ? ? 1_555 B CD . CD ? ? A CYS 19 A CD 31 1_555 ? ? ? ? ? ? ? 2.540 ? ? 
metalc8  metalc ? ? A CYS 21 SG ? ? ? 1_555 C CD . CD ? ? A CYS 21 A CD 32 1_555 ? ? ? ? ? ? ? 2.577 ? ? 
metalc9  metalc ? ? A CYS 24 SG ? ? ? 1_555 B CD . CD ? ? A CYS 24 A CD 31 1_555 ? ? ? ? ? ? ? 2.541 ? ? 
metalc10 metalc ? ? A CYS 24 SG ? ? ? 1_555 C CD . CD ? ? A CYS 24 A CD 32 1_555 ? ? ? ? ? ? ? 2.543 ? ? 
metalc11 metalc ? ? A CYS 26 SG ? ? ? 1_555 D CD . CD ? ? A CYS 26 A CD 33 1_555 ? ? ? ? ? ? ? 2.531 ? ? 
metalc12 metalc ? ? A CYS 29 SG ? ? ? 1_555 B CD . CD ? ? A CYS 29 A CD 31 1_555 ? ? ? ? ? ? ? 2.555 ? ? 
# 
_struct_conn_type.id          metalc 
_struct_conn_type.criteria    ? 
_struct_conn_type.reference   ? 
# 
loop_
_pdbx_struct_conn_angle.id 
_pdbx_struct_conn_angle.ptnr1_label_atom_id 
_pdbx_struct_conn_angle.ptnr1_label_alt_id 
_pdbx_struct_conn_angle.ptnr1_label_asym_id 
_pdbx_struct_conn_angle.ptnr1_label_comp_id 
_pdbx_struct_conn_angle.ptnr1_label_seq_id 
_pdbx_struct_conn_angle.ptnr1_auth_atom_id 
_pdbx_struct_conn_angle.ptnr1_auth_asym_id 
_pdbx_struct_conn_angle.ptnr1_auth_comp_id 
_pdbx_struct_conn_angle.ptnr1_auth_seq_id 
_pdbx_struct_conn_angle.ptnr1_PDB_ins_code 
_pdbx_struct_conn_angle.ptnr1_symmetry 
_pdbx_struct_conn_angle.ptnr2_label_atom_id 
_pdbx_struct_conn_angle.ptnr2_label_alt_id 
_pdbx_struct_conn_angle.ptnr2_label_asym_id 
_pdbx_struct_conn_angle.ptnr2_label_comp_id 
_pdbx_struct_conn_angle.ptnr2_label_seq_id 
_pdbx_struct_conn_angle.ptnr2_auth_atom_id 
_pdbx_struct_conn_angle.ptnr2_auth_asym_id 
_pdbx_struct_conn_angle.ptnr2_auth_comp_id 
_pdbx_struct_conn_angle.ptnr2_auth_seq_id 
_pdbx_struct_conn_angle.ptnr2_PDB_ins_code 
_pdbx_struct_conn_angle.ptnr2_symmetry 
_pdbx_struct_conn_angle.ptnr3_label_atom_id 
_pdbx_struct_conn_angle.ptnr3_label_alt_id 
_pdbx_struct_conn_angle.ptnr3_label_asym_id 
_pdbx_struct_conn_angle.ptnr3_label_comp_id 
_pdbx_struct_conn_angle.ptnr3_label_seq_id 
_pdbx_struct_conn_angle.ptnr3_auth_atom_id 
_pdbx_struct_conn_angle.ptnr3_auth_asym_id 
_pdbx_struct_conn_angle.ptnr3_auth_comp_id 
_pdbx_struct_conn_angle.ptnr3_auth_seq_id 
_pdbx_struct_conn_angle.ptnr3_PDB_ins_code 
_pdbx_struct_conn_angle.ptnr3_symmetry 
_pdbx_struct_conn_angle.value 
_pdbx_struct_conn_angle.value_esd 
1  SG ? A CYS 5  ? A CYS 5  ? 1_555 CD ? C CD . ? A CD 32 ? 1_555 SG ? A CYS 7  ? A CYS 7  ? 1_555 104.4 ? 
2  SG ? A CYS 5  ? A CYS 5  ? 1_555 CD ? C CD . ? A CD 32 ? 1_555 SG ? A CYS 21 ? A CYS 21 ? 1_555 123.6 ? 
3  SG ? A CYS 7  ? A CYS 7  ? 1_555 CD ? C CD . ? A CD 32 ? 1_555 SG ? A CYS 21 ? A CYS 21 ? 1_555 106.5 ? 
4  SG ? A CYS 5  ? A CYS 5  ? 1_555 CD ? C CD . ? A CD 32 ? 1_555 SG ? A CYS 24 ? A CYS 24 ? 1_555 101.1 ? 
5  SG ? A CYS 7  ? A CYS 7  ? 1_555 CD ? C CD . ? A CD 32 ? 1_555 SG ? A CYS 24 ? A CYS 24 ? 1_555 123.3 ? 
6  SG ? A CYS 21 ? A CYS 21 ? 1_555 CD ? C CD . ? A CD 32 ? 1_555 SG ? A CYS 24 ? A CYS 24 ? 1_555 99.6  ? 
7  SG ? A CYS 7  ? A CYS 7  ? 1_555 CD ? D CD . ? A CD 33 ? 1_555 SG ? A CYS 13 ? A CYS 13 ? 1_555 107.5 ? 
8  SG ? A CYS 7  ? A CYS 7  ? 1_555 CD ? D CD . ? A CD 33 ? 1_555 SG ? A CYS 15 ? A CYS 15 ? 1_555 110.4 ? 
9  SG ? A CYS 13 ? A CYS 13 ? 1_555 CD ? D CD . ? A CD 33 ? 1_555 SG ? A CYS 15 ? A CYS 15 ? 1_555 121.2 ? 
10 SG ? A CYS 7  ? A CYS 7  ? 1_555 CD ? D CD . ? A CD 33 ? 1_555 SG ? A CYS 26 ? A CYS 26 ? 1_555 120.2 ? 
11 SG ? A CYS 13 ? A CYS 13 ? 1_555 CD ? D CD . ? A CD 33 ? 1_555 SG ? A CYS 26 ? A CYS 26 ? 1_555 89.2  ? 
12 SG ? A CYS 15 ? A CYS 15 ? 1_555 CD ? D CD . ? A CD 33 ? 1_555 SG ? A CYS 26 ? A CYS 26 ? 1_555 107.8 ? 
13 SG ? A CYS 15 ? A CYS 15 ? 1_555 CD ? B CD . ? A CD 31 ? 1_555 SG ? A CYS 19 ? A CYS 19 ? 1_555 108.6 ? 
14 SG ? A CYS 15 ? A CYS 15 ? 1_555 CD ? B CD . ? A CD 31 ? 1_555 SG ? A CYS 24 ? A CYS 24 ? 1_555 120.2 ? 
15 SG ? A CYS 19 ? A CYS 19 ? 1_555 CD ? B CD . ? A CD 31 ? 1_555 SG ? A CYS 24 ? A CYS 24 ? 1_555 95.5  ? 
16 SG ? A CYS 15 ? A CYS 15 ? 1_555 CD ? B CD . ? A CD 31 ? 1_555 SG ? A CYS 29 ? A CYS 29 ? 1_555 112.8 ? 
17 SG ? A CYS 19 ? A CYS 19 ? 1_555 CD ? B CD . ? A CD 31 ? 1_555 SG ? A CYS 29 ? A CYS 29 ? 1_555 111.8 ? 
18 SG ? A CYS 24 ? A CYS 24 ? 1_555 CD ? B CD . ? A CD 31 ? 1_555 SG ? A CYS 29 ? A CYS 29 ? 1_555 106.8 ? 
# 
loop_
_struct_site.id 
_struct_site.pdbx_evidence_code 
_struct_site.pdbx_auth_asym_id 
_struct_site.pdbx_auth_comp_id 
_struct_site.pdbx_auth_seq_id 
_struct_site.pdbx_auth_ins_code 
_struct_site.pdbx_num_residues 
_struct_site.details 
AC1 Software A CD 31 ? 4 'BINDING SITE FOR RESIDUE CD A 31' 
AC2 Software A CD 32 ? 4 'BINDING SITE FOR RESIDUE CD A 32' 
AC3 Software A CD 33 ? 4 'BINDING SITE FOR RESIDUE CD A 33' 
# 
loop_
_struct_site_gen.id 
_struct_site_gen.site_id 
_struct_site_gen.pdbx_num_res 
_struct_site_gen.label_comp_id 
_struct_site_gen.label_asym_id 
_struct_site_gen.label_seq_id 
_struct_site_gen.pdbx_auth_ins_code 
_struct_site_gen.auth_comp_id 
_struct_site_gen.auth_asym_id 
_struct_site_gen.auth_seq_id 
_struct_site_gen.label_atom_id 
_struct_site_gen.label_alt_id 
_struct_site_gen.symmetry 
_struct_site_gen.details 
1  AC1 4 CYS A 15 ? CYS A 15 . ? 1_555 ? 
2  AC1 4 CYS A 19 ? CYS A 19 . ? 1_555 ? 
3  AC1 4 CYS A 24 ? CYS A 24 . ? 1_555 ? 
4  AC1 4 CYS A 29 ? CYS A 29 . ? 1_555 ? 
5  AC2 4 CYS A 5  ? CYS A 5  . ? 1_555 ? 
6  AC2 4 CYS A 7  ? CYS A 7  . ? 1_555 ? 
7  AC2 4 CYS A 21 ? CYS A 21 . ? 1_555 ? 
8  AC2 4 CYS A 24 ? CYS A 24 . ? 1_555 ? 
9  AC3 4 CYS A 7  ? CYS A 7  . ? 1_555 ? 
10 AC3 4 CYS A 13 ? CYS A 13 . ? 1_555 ? 
11 AC3 4 CYS A 15 ? CYS A 15 . ? 1_555 ? 
12 AC3 4 CYS A 26 ? CYS A 26 . ? 1_555 ? 
# 
loop_
_pdbx_validate_rmsd_bond.id 
_pdbx_validate_rmsd_bond.PDB_model_num 
_pdbx_validate_rmsd_bond.auth_atom_id_1 
_pdbx_validate_rmsd_bond.auth_asym_id_1 
_pdbx_validate_rmsd_bond.auth_comp_id_1 
_pdbx_validate_rmsd_bond.auth_seq_id_1 
_pdbx_validate_rmsd_bond.PDB_ins_code_1 
_pdbx_validate_rmsd_bond.label_alt_id_1 
_pdbx_validate_rmsd_bond.auth_atom_id_2 
_pdbx_validate_rmsd_bond.auth_asym_id_2 
_pdbx_validate_rmsd_bond.auth_comp_id_2 
_pdbx_validate_rmsd_bond.auth_seq_id_2 
_pdbx_validate_rmsd_bond.PDB_ins_code_2 
_pdbx_validate_rmsd_bond.label_alt_id_2 
_pdbx_validate_rmsd_bond.bond_value 
_pdbx_validate_rmsd_bond.bond_target_value 
_pdbx_validate_rmsd_bond.bond_deviation 
_pdbx_validate_rmsd_bond.bond_standard_deviation 
_pdbx_validate_rmsd_bond.linker_flag 
1  1 N  A MET 1  ? ? CA A MET 1  ? ? 1.614 1.459 0.155 0.020 N 
2  1 CA A MET 1  ? ? CB A MET 1  ? ? 1.715 1.535 0.180 0.022 N 
3  1 N  A ASP 2  ? ? CA A ASP 2  ? ? 1.620 1.459 0.161 0.020 N 
4  1 CA A ASP 2  ? ? C  A ASP 2  ? ? 1.691 1.525 0.166 0.026 N 
5  1 C  A ASP 2  ? ? N  A PRO 3  ? ? 1.504 1.338 0.166 0.019 Y 
6  1 N  A PRO 3  ? ? CA A PRO 3  ? ? 1.605 1.468 0.137 0.017 N 
7  1 CA A PRO 3  ? ? C  A PRO 3  ? ? 1.680 1.524 0.156 0.020 N 
8  1 N  A ASN 4  ? ? CA A ASN 4  ? ? 1.610 1.459 0.151 0.020 N 
9  1 C  A ASN 4  ? ? N  A CYS 5  ? ? 1.484 1.336 0.148 0.023 Y 
10 1 N  A CYS 5  ? ? CA A CYS 5  ? ? 1.628 1.459 0.169 0.020 N 
11 1 CA A CYS 5  ? ? CB A CYS 5  ? ? 1.674 1.535 0.139 0.022 N 
12 1 N  A SER 6  ? ? CA A SER 6  ? ? 1.619 1.459 0.160 0.020 N 
13 1 CA A SER 6  ? ? CB A SER 6  ? ? 1.634 1.525 0.109 0.015 N 
14 1 CA A SER 6  ? ? C  A SER 6  ? ? 1.696 1.525 0.171 0.026 N 
15 1 N  A CYS 7  ? ? CA A CYS 7  ? ? 1.658 1.459 0.199 0.020 N 
16 1 CA A CYS 7  ? ? CB A CYS 7  ? ? 1.691 1.535 0.156 0.022 N 
17 1 CA A CYS 7  ? ? C  A CYS 7  ? ? 1.688 1.525 0.163 0.026 N 
18 1 N  A SER 8  ? ? CA A SER 8  ? ? 1.660 1.459 0.201 0.020 N 
19 1 CA A SER 8  ? ? CB A SER 8  ? ? 1.649 1.525 0.124 0.015 N 
20 1 CA A SER 8  ? ? C  A SER 8  ? ? 1.683 1.525 0.158 0.026 N 
21 1 C  A SER 8  ? ? N  A THR 9  ? ? 1.488 1.336 0.152 0.023 Y 
22 1 N  A THR 9  ? ? CA A THR 9  ? ? 1.656 1.459 0.197 0.020 N 
23 1 CA A THR 9  ? ? CB A THR 9  ? ? 1.711 1.529 0.182 0.026 N 
24 1 N  A GLY 10 ? ? CA A GLY 10 ? ? 1.605 1.456 0.149 0.015 N 
25 1 CA A GLY 10 ? ? C  A GLY 10 ? ? 1.637 1.514 0.123 0.016 N 
26 1 N  A GLY 11 ? ? CA A GLY 11 ? ? 1.581 1.456 0.125 0.015 N 
27 1 CA A GLY 11 ? ? C  A GLY 11 ? ? 1.612 1.514 0.098 0.016 N 
28 1 N  A SER 12 ? ? CA A SER 12 ? ? 1.634 1.459 0.175 0.020 N 
29 1 CA A SER 12 ? ? CB A SER 12 ? ? 1.646 1.525 0.121 0.015 N 
30 1 N  A CYS 13 ? ? CA A CYS 13 ? ? 1.640 1.459 0.181 0.020 N 
31 1 CA A CYS 13 ? ? C  A CYS 13 ? ? 1.685 1.525 0.160 0.026 N 
32 1 N  A THR 14 ? ? CA A THR 14 ? ? 1.619 1.459 0.160 0.020 N 
33 1 CA A THR 14 ? ? CB A THR 14 ? ? 1.732 1.529 0.203 0.026 N 
34 1 C  A THR 14 ? ? N  A CYS 15 ? ? 1.484 1.336 0.148 0.023 Y 
35 1 N  A CYS 15 ? ? CA A CYS 15 ? ? 1.663 1.459 0.204 0.020 N 
36 1 CA A CYS 15 ? ? CB A CYS 15 ? ? 1.697 1.535 0.162 0.022 N 
37 1 CA A CYS 15 ? ? C  A CYS 15 ? ? 1.692 1.525 0.167 0.026 N 
38 1 N  A THR 16 ? ? CA A THR 16 ? ? 1.644 1.459 0.185 0.020 N 
39 1 CA A THR 16 ? ? CB A THR 16 ? ? 1.705 1.529 0.176 0.026 N 
40 1 N  A SER 17 ? ? CA A SER 17 ? ? 1.640 1.459 0.181 0.020 N 
41 1 CA A SER 17 ? ? CB A SER 17 ? ? 1.645 1.525 0.120 0.015 N 
42 1 N  A SER 18 ? ? CA A SER 18 ? ? 1.621 1.459 0.162 0.020 N 
43 1 CA A SER 18 ? ? CB A SER 18 ? ? 1.636 1.525 0.111 0.015 N 
44 1 N  A CYS 19 ? ? CA A CYS 19 ? ? 1.634 1.459 0.175 0.020 N 
45 1 CA A CYS 19 ? ? CB A CYS 19 ? ? 1.685 1.535 0.150 0.022 N 
46 1 N  A ALA 20 ? ? CA A ALA 20 ? ? 1.625 1.459 0.166 0.020 N 
47 1 N  A CYS 21 ? ? CA A CYS 21 ? ? 1.624 1.459 0.165 0.020 N 
48 1 CA A CYS 21 ? ? C  A CYS 21 ? ? 1.707 1.525 0.182 0.026 N 
49 1 N  A LYS 22 ? ? CA A LYS 22 ? ? 1.608 1.459 0.149 0.020 N 
50 1 CA A LYS 22 ? ? C  A LYS 22 ? ? 1.686 1.525 0.161 0.026 N 
51 1 N  A ASN 23 ? ? CA A ASN 23 ? ? 1.615 1.459 0.156 0.020 N 
52 1 CA A ASN 23 ? ? C  A ASN 23 ? ? 1.687 1.525 0.162 0.026 N 
53 1 N  A CYS 24 ? ? CA A CYS 24 ? ? 1.658 1.459 0.199 0.020 N 
54 1 CA A CYS 24 ? ? CB A CYS 24 ? ? 1.698 1.535 0.163 0.022 N 
55 1 N  A LYS 25 ? ? CA A LYS 25 ? ? 1.625 1.459 0.166 0.020 N 
56 1 CA A LYS 25 ? ? CB A LYS 25 ? ? 1.686 1.535 0.151 0.022 N 
57 1 CA A LYS 25 ? ? C  A LYS 25 ? ? 1.690 1.525 0.165 0.026 N 
58 1 N  A CYS 26 ? ? CA A CYS 26 ? ? 1.638 1.459 0.179 0.020 N 
59 1 CA A CYS 26 ? ? CB A CYS 26 ? ? 1.683 1.535 0.148 0.022 N 
60 1 C  A CYS 26 ? ? N  A THR 27 ? ? 1.479 1.336 0.143 0.023 Y 
61 1 N  A THR 27 ? ? CA A THR 27 ? ? 1.642 1.459 0.183 0.020 N 
62 1 CA A THR 27 ? ? CB A THR 27 ? ? 1.701 1.529 0.172 0.026 N 
63 1 N  A SER 28 ? ? CA A SER 28 ? ? 1.647 1.459 0.188 0.020 N 
64 1 CA A SER 28 ? ? CB A SER 28 ? ? 1.644 1.525 0.119 0.015 N 
65 1 N  A CYS 29 ? ? CA A CYS 29 ? ? 1.631 1.459 0.172 0.020 N 
66 1 CA A CYS 29 ? ? CB A CYS 29 ? ? 1.686 1.535 0.151 0.022 N 
67 1 N  A LYS 30 ? ? CA A LYS 30 ? ? 1.649 1.459 0.190 0.020 N 
68 1 CA A LYS 30 ? ? CB A LYS 30 ? ? 1.677 1.535 0.142 0.022 N 
# 
loop_
_pdbx_validate_rmsd_angle.id 
_pdbx_validate_rmsd_angle.PDB_model_num 
_pdbx_validate_rmsd_angle.auth_atom_id_1 
_pdbx_validate_rmsd_angle.auth_asym_id_1 
_pdbx_validate_rmsd_angle.auth_comp_id_1 
_pdbx_validate_rmsd_angle.auth_seq_id_1 
_pdbx_validate_rmsd_angle.PDB_ins_code_1 
_pdbx_validate_rmsd_angle.label_alt_id_1 
_pdbx_validate_rmsd_angle.auth_atom_id_2 
_pdbx_validate_rmsd_angle.auth_asym_id_2 
_pdbx_validate_rmsd_angle.auth_comp_id_2 
_pdbx_validate_rmsd_angle.auth_seq_id_2 
_pdbx_validate_rmsd_angle.PDB_ins_code_2 
_pdbx_validate_rmsd_angle.label_alt_id_2 
_pdbx_validate_rmsd_angle.auth_atom_id_3 
_pdbx_validate_rmsd_angle.auth_asym_id_3 
_pdbx_validate_rmsd_angle.auth_comp_id_3 
_pdbx_validate_rmsd_angle.auth_seq_id_3 
_pdbx_validate_rmsd_angle.PDB_ins_code_3 
_pdbx_validate_rmsd_angle.label_alt_id_3 
_pdbx_validate_rmsd_angle.angle_value 
_pdbx_validate_rmsd_angle.angle_target_value 
_pdbx_validate_rmsd_angle.angle_deviation 
_pdbx_validate_rmsd_angle.angle_standard_deviation 
_pdbx_validate_rmsd_angle.linker_flag 
1 1 CA A CYS 5  ? ? CB A CYS 5  ? ? SG A CYS 5  ? ? 124.12 114.20 9.92 1.10 N 
2 1 CA A CYS 21 ? ? CB A CYS 21 ? ? SG A CYS 21 ? ? 121.61 114.20 7.41 1.10 N 
3 1 CA A CYS 24 ? ? CB A CYS 24 ? ? SG A CYS 24 ? ? 122.25 114.20 8.05 1.10 N 
# 
loop_
_pdbx_validate_torsion.id 
_pdbx_validate_torsion.PDB_model_num 
_pdbx_validate_torsion.auth_comp_id 
_pdbx_validate_torsion.auth_asym_id 
_pdbx_validate_torsion.auth_seq_id 
_pdbx_validate_torsion.PDB_ins_code 
_pdbx_validate_torsion.label_alt_id 
_pdbx_validate_torsion.phi 
_pdbx_validate_torsion.psi 
1  1 SER A 8  ? ? 113.65  -137.80 
2  1 THR A 9  ? ? -150.44 -42.41  
3  1 THR A 14 ? ? 86.76   -92.43  
4  1 CYS A 15 ? ? 59.75   70.99   
5  1 THR A 16 ? ? -104.36 -112.18 
6  1 CYS A 21 ? ? -123.09 -126.29 
7  1 LYS A 22 ? ? -132.86 -62.44  
8  1 ASN A 23 ? ? -133.68 -61.84  
9  1 CYS A 24 ? ? 83.42   151.12  
10 1 LYS A 25 ? ? -105.86 66.71   
11 1 CYS A 26 ? ? -116.27 -120.45 
12 1 THR A 27 ? ? -103.04 -82.39  
# 
_pdbx_nmr_ensemble.entry_id                                      1DFT 
_pdbx_nmr_ensemble.conformers_calculated_total_number            50 
_pdbx_nmr_ensemble.conformers_submitted_total_number             1 
_pdbx_nmr_ensemble.conformer_selection_criteria                  'MINIMIZED AVERAGE STRUCTURE' 
_pdbx_nmr_ensemble.average_constraints_per_residue               ? 
_pdbx_nmr_ensemble.average_constraint_violations_per_residue     ? 
_pdbx_nmr_ensemble.maximum_distance_constraint_violation         ? 
_pdbx_nmr_ensemble.average_distance_constraint_violation         ? 
_pdbx_nmr_ensemble.maximum_upper_distance_constraint_violation   ? 
_pdbx_nmr_ensemble.maximum_lower_distance_constraint_violation   ? 
_pdbx_nmr_ensemble.distance_constraint_violation_method          ? 
_pdbx_nmr_ensemble.maximum_torsion_angle_constraint_violation    ? 
_pdbx_nmr_ensemble.average_torsion_angle_constraint_violation    ? 
_pdbx_nmr_ensemble.torsion_angle_constraint_violation_method     ? 
# 
_pdbx_nmr_representative.entry_id             1DFT 
_pdbx_nmr_representative.conformer_id         ? 
_pdbx_nmr_representative.selection_criteria   'minimized average structure' 
# 
_pdbx_nmr_sample_details.solution_id      1 
_pdbx_nmr_sample_details.contents         '0.7MM MOUSE METALLOTHIONEIN-1, NATURAL ABUNDANCE, 15MM PHOSPHATE BUFFER NA' 
_pdbx_nmr_sample_details.solvent_system   ? 
# 
loop_
_pdbx_nmr_exptl_sample_conditions.conditions_id 
_pdbx_nmr_exptl_sample_conditions.temperature 
_pdbx_nmr_exptl_sample_conditions.pressure 
_pdbx_nmr_exptl_sample_conditions.pH 
_pdbx_nmr_exptl_sample_conditions.ionic_strength 
_pdbx_nmr_exptl_sample_conditions.pressure_units 
_pdbx_nmr_exptl_sample_conditions.temperature_units 
1 283 AMBIENT 6.5 15mMKPI ? K 
2 298 AMBIENT 6.5 15mMKPI ? K 
# 
loop_
_pdbx_nmr_exptl.experiment_id 
_pdbx_nmr_exptl.conditions_id 
_pdbx_nmr_exptl.type 
_pdbx_nmr_exptl.solution_id 
1 1 '2D NOESY'            1 
2 1 '2D TOCSY'            1 
3 2 'ACCORDION CD-H HSQC' 1 
# 
_pdbx_nmr_details.entry_id   1DFT 
_pdbx_nmr_details.text       'THIS STRUCTURE WAS DETERMINED USING STANDARD 2D HOMONUCLEAR TECHNIQUES AND AN ACCORDION CD-H HSQC' 
# 
_pdbx_nmr_refine.entry_id           1DFT 
_pdbx_nmr_refine.method             'HYBRID DISTANCE GEOMETRY-DYNAMICAL SIMULATED ANNEALING' 
_pdbx_nmr_refine.details            'A TOTAL OF 103 NOE-DERIVED DISTANCE CONSTRAINTS AND 12 CD-S CONNECTIVITIES' 
_pdbx_nmr_refine.software_ordinal   1 
# 
loop_
_pdbx_nmr_software.classification 
_pdbx_nmr_software.name 
_pdbx_nmr_software.version 
_pdbx_nmr_software.authors 
_pdbx_nmr_software.ordinal 
'data analysis'      VNMR   6.1A  VARIAN  1 
'structure solution' X-PLOR 3.851 BRUNGER 2 
refinement           X-PLOR 3.851 BRUNGER 3 
# 
loop_
_chem_comp_atom.comp_id 
_chem_comp_atom.atom_id 
_chem_comp_atom.type_symbol 
_chem_comp_atom.pdbx_aromatic_flag 
_chem_comp_atom.pdbx_stereo_config 
_chem_comp_atom.pdbx_ordinal 
ALA N    N  N N 1   
ALA CA   C  N S 2   
ALA C    C  N N 3   
ALA O    O  N N 4   
ALA CB   C  N N 5   
ALA OXT  O  N N 6   
ALA H    H  N N 7   
ALA H2   H  N N 8   
ALA HA   H  N N 9   
ALA HB1  H  N N 10  
ALA HB2  H  N N 11  
ALA HB3  H  N N 12  
ALA HXT  H  N N 13  
ASN N    N  N N 14  
ASN CA   C  N S 15  
ASN C    C  N N 16  
ASN O    O  N N 17  
ASN CB   C  N N 18  
ASN CG   C  N N 19  
ASN OD1  O  N N 20  
ASN ND2  N  N N 21  
ASN OXT  O  N N 22  
ASN H    H  N N 23  
ASN H2   H  N N 24  
ASN HA   H  N N 25  
ASN HB2  H  N N 26  
ASN HB3  H  N N 27  
ASN HD21 H  N N 28  
ASN HD22 H  N N 29  
ASN HXT  H  N N 30  
ASP N    N  N N 31  
ASP CA   C  N S 32  
ASP C    C  N N 33  
ASP O    O  N N 34  
ASP CB   C  N N 35  
ASP CG   C  N N 36  
ASP OD1  O  N N 37  
ASP OD2  O  N N 38  
ASP OXT  O  N N 39  
ASP H    H  N N 40  
ASP H2   H  N N 41  
ASP HA   H  N N 42  
ASP HB2  H  N N 43  
ASP HB3  H  N N 44  
ASP HD2  H  N N 45  
ASP HXT  H  N N 46  
CD  CD   CD N N 47  
CYS N    N  N N 48  
CYS CA   C  N R 49  
CYS C    C  N N 50  
CYS O    O  N N 51  
CYS CB   C  N N 52  
CYS SG   S  N N 53  
CYS OXT  O  N N 54  
CYS H    H  N N 55  
CYS H2   H  N N 56  
CYS HA   H  N N 57  
CYS HB2  H  N N 58  
CYS HB3  H  N N 59  
CYS HG   H  N N 60  
CYS HXT  H  N N 61  
GLY N    N  N N 62  
GLY CA   C  N N 63  
GLY C    C  N N 64  
GLY O    O  N N 65  
GLY OXT  O  N N 66  
GLY H    H  N N 67  
GLY H2   H  N N 68  
GLY HA2  H  N N 69  
GLY HA3  H  N N 70  
GLY HXT  H  N N 71  
LYS N    N  N N 72  
LYS CA   C  N S 73  
LYS C    C  N N 74  
LYS O    O  N N 75  
LYS CB   C  N N 76  
LYS CG   C  N N 77  
LYS CD   C  N N 78  
LYS CE   C  N N 79  
LYS NZ   N  N N 80  
LYS OXT  O  N N 81  
LYS H    H  N N 82  
LYS H2   H  N N 83  
LYS HA   H  N N 84  
LYS HB2  H  N N 85  
LYS HB3  H  N N 86  
LYS HG2  H  N N 87  
LYS HG3  H  N N 88  
LYS HD2  H  N N 89  
LYS HD3  H  N N 90  
LYS HE2  H  N N 91  
LYS HE3  H  N N 92  
LYS HZ1  H  N N 93  
LYS HZ2  H  N N 94  
LYS HZ3  H  N N 95  
LYS HXT  H  N N 96  
MET N    N  N N 97  
MET CA   C  N S 98  
MET C    C  N N 99  
MET O    O  N N 100 
MET CB   C  N N 101 
MET CG   C  N N 102 
MET SD   S  N N 103 
MET CE   C  N N 104 
MET OXT  O  N N 105 
MET H    H  N N 106 
MET H2   H  N N 107 
MET HA   H  N N 108 
MET HB2  H  N N 109 
MET HB3  H  N N 110 
MET HG2  H  N N 111 
MET HG3  H  N N 112 
MET HE1  H  N N 113 
MET HE2  H  N N 114 
MET HE3  H  N N 115 
MET HXT  H  N N 116 
PRO N    N  N N 117 
PRO CA   C  N S 118 
PRO C    C  N N 119 
PRO O    O  N N 120 
PRO CB   C  N N 121 
PRO CG   C  N N 122 
PRO CD   C  N N 123 
PRO OXT  O  N N 124 
PRO H    H  N N 125 
PRO HA   H  N N 126 
PRO HB2  H  N N 127 
PRO HB3  H  N N 128 
PRO HG2  H  N N 129 
PRO HG3  H  N N 130 
PRO HD2  H  N N 131 
PRO HD3  H  N N 132 
PRO HXT  H  N N 133 
SER N    N  N N 134 
SER CA   C  N S 135 
SER C    C  N N 136 
SER O    O  N N 137 
SER CB   C  N N 138 
SER OG   O  N N 139 
SER OXT  O  N N 140 
SER H    H  N N 141 
SER H2   H  N N 142 
SER HA   H  N N 143 
SER HB2  H  N N 144 
SER HB3  H  N N 145 
SER HG   H  N N 146 
SER HXT  H  N N 147 
THR N    N  N N 148 
THR CA   C  N S 149 
THR C    C  N N 150 
THR O    O  N N 151 
THR CB   C  N R 152 
THR OG1  O  N N 153 
THR CG2  C  N N 154 
THR OXT  O  N N 155 
THR H    H  N N 156 
THR H2   H  N N 157 
THR HA   H  N N 158 
THR HB   H  N N 159 
THR HG1  H  N N 160 
THR HG21 H  N N 161 
THR HG22 H  N N 162 
THR HG23 H  N N 163 
THR HXT  H  N N 164 
# 
loop_
_chem_comp_bond.comp_id 
_chem_comp_bond.atom_id_1 
_chem_comp_bond.atom_id_2 
_chem_comp_bond.value_order 
_chem_comp_bond.pdbx_aromatic_flag 
_chem_comp_bond.pdbx_stereo_config 
_chem_comp_bond.pdbx_ordinal 
ALA N   CA   sing N N 1   
ALA N   H    sing N N 2   
ALA N   H2   sing N N 3   
ALA CA  C    sing N N 4   
ALA CA  CB   sing N N 5   
ALA CA  HA   sing N N 6   
ALA C   O    doub N N 7   
ALA C   OXT  sing N N 8   
ALA CB  HB1  sing N N 9   
ALA CB  HB2  sing N N 10  
ALA CB  HB3  sing N N 11  
ALA OXT HXT  sing N N 12  
ASN N   CA   sing N N 13  
ASN N   H    sing N N 14  
ASN N   H2   sing N N 15  
ASN CA  C    sing N N 16  
ASN CA  CB   sing N N 17  
ASN CA  HA   sing N N 18  
ASN C   O    doub N N 19  
ASN C   OXT  sing N N 20  
ASN CB  CG   sing N N 21  
ASN CB  HB2  sing N N 22  
ASN CB  HB3  sing N N 23  
ASN CG  OD1  doub N N 24  
ASN CG  ND2  sing N N 25  
ASN ND2 HD21 sing N N 26  
ASN ND2 HD22 sing N N 27  
ASN OXT HXT  sing N N 28  
ASP N   CA   sing N N 29  
ASP N   H    sing N N 30  
ASP N   H2   sing N N 31  
ASP CA  C    sing N N 32  
ASP CA  CB   sing N N 33  
ASP CA  HA   sing N N 34  
ASP C   O    doub N N 35  
ASP C   OXT  sing N N 36  
ASP CB  CG   sing N N 37  
ASP CB  HB2  sing N N 38  
ASP CB  HB3  sing N N 39  
ASP CG  OD1  doub N N 40  
ASP CG  OD2  sing N N 41  
ASP OD2 HD2  sing N N 42  
ASP OXT HXT  sing N N 43  
CYS N   CA   sing N N 44  
CYS N   H    sing N N 45  
CYS N   H2   sing N N 46  
CYS CA  C    sing N N 47  
CYS CA  CB   sing N N 48  
CYS CA  HA   sing N N 49  
CYS C   O    doub N N 50  
CYS C   OXT  sing N N 51  
CYS CB  SG   sing N N 52  
CYS CB  HB2  sing N N 53  
CYS CB  HB3  sing N N 54  
CYS SG  HG   sing N N 55  
CYS OXT HXT  sing N N 56  
GLY N   CA   sing N N 57  
GLY N   H    sing N N 58  
GLY N   H2   sing N N 59  
GLY CA  C    sing N N 60  
GLY CA  HA2  sing N N 61  
GLY CA  HA3  sing N N 62  
GLY C   O    doub N N 63  
GLY C   OXT  sing N N 64  
GLY OXT HXT  sing N N 65  
LYS N   CA   sing N N 66  
LYS N   H    sing N N 67  
LYS N   H2   sing N N 68  
LYS CA  C    sing N N 69  
LYS CA  CB   sing N N 70  
LYS CA  HA   sing N N 71  
LYS C   O    doub N N 72  
LYS C   OXT  sing N N 73  
LYS CB  CG   sing N N 74  
LYS CB  HB2  sing N N 75  
LYS CB  HB3  sing N N 76  
LYS CG  CD   sing N N 77  
LYS CG  HG2  sing N N 78  
LYS CG  HG3  sing N N 79  
LYS CD  CE   sing N N 80  
LYS CD  HD2  sing N N 81  
LYS CD  HD3  sing N N 82  
LYS CE  NZ   sing N N 83  
LYS CE  HE2  sing N N 84  
LYS CE  HE3  sing N N 85  
LYS NZ  HZ1  sing N N 86  
LYS NZ  HZ2  sing N N 87  
LYS NZ  HZ3  sing N N 88  
LYS OXT HXT  sing N N 89  
MET N   CA   sing N N 90  
MET N   H    sing N N 91  
MET N   H2   sing N N 92  
MET CA  C    sing N N 93  
MET CA  CB   sing N N 94  
MET CA  HA   sing N N 95  
MET C   O    doub N N 96  
MET C   OXT  sing N N 97  
MET CB  CG   sing N N 98  
MET CB  HB2  sing N N 99  
MET CB  HB3  sing N N 100 
MET CG  SD   sing N N 101 
MET CG  HG2  sing N N 102 
MET CG  HG3  sing N N 103 
MET SD  CE   sing N N 104 
MET CE  HE1  sing N N 105 
MET CE  HE2  sing N N 106 
MET CE  HE3  sing N N 107 
MET OXT HXT  sing N N 108 
PRO N   CA   sing N N 109 
PRO N   CD   sing N N 110 
PRO N   H    sing N N 111 
PRO CA  C    sing N N 112 
PRO CA  CB   sing N N 113 
PRO CA  HA   sing N N 114 
PRO C   O    doub N N 115 
PRO C   OXT  sing N N 116 
PRO CB  CG   sing N N 117 
PRO CB  HB2  sing N N 118 
PRO CB  HB3  sing N N 119 
PRO CG  CD   sing N N 120 
PRO CG  HG2  sing N N 121 
PRO CG  HG3  sing N N 122 
PRO CD  HD2  sing N N 123 
PRO CD  HD3  sing N N 124 
PRO OXT HXT  sing N N 125 
SER N   CA   sing N N 126 
SER N   H    sing N N 127 
SER N   H2   sing N N 128 
SER CA  C    sing N N 129 
SER CA  CB   sing N N 130 
SER CA  HA   sing N N 131 
SER C   O    doub N N 132 
SER C   OXT  sing N N 133 
SER CB  OG   sing N N 134 
SER CB  HB2  sing N N 135 
SER CB  HB3  sing N N 136 
SER OG  HG   sing N N 137 
SER OXT HXT  sing N N 138 
THR N   CA   sing N N 139 
THR N   H    sing N N 140 
THR N   H2   sing N N 141 
THR CA  C    sing N N 142 
THR CA  CB   sing N N 143 
THR CA  HA   sing N N 144 
THR C   O    doub N N 145 
THR C   OXT  sing N N 146 
THR CB  OG1  sing N N 147 
THR CB  CG2  sing N N 148 
THR CB  HB   sing N N 149 
THR OG1 HG1  sing N N 150 
THR CG2 HG21 sing N N 151 
THR CG2 HG22 sing N N 152 
THR CG2 HG23 sing N N 153 
THR OXT HXT  sing N N 154 
# 
loop_
_pdbx_nmr_spectrometer.spectrometer_id 
_pdbx_nmr_spectrometer.model 
_pdbx_nmr_spectrometer.manufacturer 
_pdbx_nmr_spectrometer.field_strength 
_pdbx_nmr_spectrometer.type 
1 'UNITY INOVA' Varian 800 ? 
2 'UNITY INOVA' Varian 600 ? 
# 
_atom_sites.entry_id                    1DFT 
_atom_sites.fract_transf_matrix[1][1]   1.000000 
_atom_sites.fract_transf_matrix[1][2]   0.000000 
_atom_sites.fract_transf_matrix[1][3]   0.000000 
_atom_sites.fract_transf_matrix[2][1]   0.000000 
_atom_sites.fract_transf_matrix[2][2]   1.000000 
_atom_sites.fract_transf_matrix[2][3]   0.000000 
_atom_sites.fract_transf_matrix[3][1]   0.000000 
_atom_sites.fract_transf_matrix[3][2]   0.000000 
_atom_sites.fract_transf_matrix[3][3]   1.000000 
_atom_sites.fract_transf_vector[1]      0.00000 
_atom_sites.fract_transf_vector[2]      0.00000 
_atom_sites.fract_transf_vector[3]      0.00000 
# 
loop_
_atom_type.symbol 
C  
CD 
H  
N  
O  
S  
# 
loop_
_atom_site.group_PDB 
_atom_site.id 
_atom_site.type_symbol 
_atom_site.label_atom_id 
_atom_site.label_alt_id 
_atom_site.label_comp_id 
_atom_site.label_asym_id 
_atom_site.label_entity_id 
_atom_site.label_seq_id 
_atom_site.pdbx_PDB_ins_code 
_atom_site.Cartn_x 
_atom_site.Cartn_y 
_atom_site.Cartn_z 
_atom_site.occupancy 
_atom_site.B_iso_or_equiv 
_atom_site.pdbx_formal_charge 
_atom_site.auth_seq_id 
_atom_site.auth_comp_id 
_atom_site.auth_asym_id 
_atom_site.auth_atom_id 
_atom_site.pdbx_PDB_model_num 
ATOM   1   N  N    . MET A 1 1  ? -8.951  8.922   10.370  1.00 2.63 ? 1  MET A N    1 
ATOM   2   C  CA   . MET A 1 1  ? -9.960  7.977   9.537   1.00 2.94 ? 1  MET A CA   1 
ATOM   3   C  C    . MET A 1 1  ? -9.205  7.049   8.376   1.00 3.02 ? 1  MET A C    1 
ATOM   4   O  O    . MET A 1 1  ? -9.898  6.280   7.672   1.00 3.53 ? 1  MET A O    1 
ATOM   5   C  CB   . MET A 1 1  ? -11.251 8.897   8.880   1.00 2.66 ? 1  MET A CB   1 
ATOM   6   C  CG   . MET A 1 1  ? -12.081 9.903   9.844   1.00 3.00 ? 1  MET A CG   1 
ATOM   7   S  SD   . MET A 1 1  ? -13.058 9.125   11.274  1.00 3.41 ? 1  MET A SD   1 
ATOM   8   C  CE   . MET A 1 1  ? -12.151 9.634   12.780  1.00 4.52 ? 1  MET A CE   1 
ATOM   9   H  H1   . MET A 1 1  ? -8.483  9.639   9.746   1.00 2.70 ? 1  MET A H1   1 
ATOM   10  H  H2   . MET A 1 1  ? -8.202  8.348   10.815  1.00 2.88 ? 1  MET A H2   1 
ATOM   11  H  H3   . MET A 1 1  ? -9.443  9.419   11.149  1.00 2.88 ? 1  MET A H3   1 
ATOM   12  H  HA   . MET A 1 1  ? -10.392 7.280   10.244  1.00 3.78 ? 1  MET A HA   1 
ATOM   13  H  HB2  . MET A 1 1  ? -10.837 9.527   8.092   1.00 3.03 ? 1  MET A HB2  1 
ATOM   14  H  HB3  . MET A 1 1  ? -11.967 8.225   8.385   1.00 2.68 ? 1  MET A HB3  1 
ATOM   15  H  HG2  . MET A 1 1  ? -11.391 10.647  10.217  1.00 3.07 ? 1  MET A HG2  1 
ATOM   16  H  HG3  . MET A 1 1  ? -12.790 10.435  9.209   1.00 3.64 ? 1  MET A HG3  1 
ATOM   17  H  HE1  . MET A 1 1  ? -11.959 10.709  12.764  1.00 4.70 ? 1  MET A HE1  1 
ATOM   18  H  HE2  . MET A 1 1  ? -11.215 9.104   12.836  1.00 5.00 ? 1  MET A HE2  1 
ATOM   19  H  HE3  . MET A 1 1  ? -12.747 9.387   13.643  1.00 4.95 ? 1  MET A HE3  1 
ATOM   20  N  N    . ASP A 1 2  ? -7.763  7.148   8.133   1.00 2.85 ? 2  ASP A N    1 
ATOM   21  C  CA   . ASP A 1 2  ? -6.861  6.416   7.004   1.00 2.89 ? 2  ASP A CA   1 
ATOM   22  C  C    . ASP A 1 2  ? -7.333  6.883   5.448   1.00 1.87 ? 2  ASP A C    1 
ATOM   23  O  O    . ASP A 1 2  ? -7.592  5.990   4.600   1.00 2.26 ? 2  ASP A O    1 
ATOM   24  C  CB   . ASP A 1 2  ? -6.786  4.806   7.378   1.00 3.92 ? 2  ASP A CB   1 
ATOM   25  C  CG   . ASP A 1 2  ? -5.662  3.972   6.569   1.00 4.27 ? 2  ASP A CG   1 
ATOM   26  O  OD1  . ASP A 1 2  ? -4.496  3.994   6.977   1.00 4.47 ? 2  ASP A OD1  1 
ATOM   27  O  OD2  . ASP A 1 2  ? -5.992  3.367   5.550   1.00 4.63 ? 2  ASP A OD2  1 
ATOM   28  H  H    . ASP A 1 2  ? -7.239  7.783   8.683   1.00 2.94 ? 2  ASP A H    1 
ATOM   29  H  HA   . ASP A 1 2  ? -5.853  6.865   7.111   1.00 3.24 ? 2  ASP A HA   1 
ATOM   30  H  HB2  . ASP A 1 2  ? -6.583  4.716   8.451   1.00 4.54 ? 2  ASP A HB2  1 
ATOM   31  H  HB3  . ASP A 1 2  ? -7.779  4.385   7.201   1.00 4.03 ? 2  ASP A HB3  1 
ATOM   32  N  N    . PRO A 1 3  ? -7.349  8.348   5.108   1.00 1.17 ? 3  PRO A N    1 
ATOM   33  C  CA   . PRO A 1 3  ? -7.708  8.926   3.654   1.00 1.02 ? 3  PRO A CA   1 
ATOM   34  C  C    . PRO A 1 3  ? -6.546  8.604   2.483   1.00 0.87 ? 3  PRO A C    1 
ATOM   35  O  O    . PRO A 1 3  ? -6.892  8.710   1.279   1.00 1.04 ? 3  PRO A O    1 
ATOM   36  C  CB   . PRO A 1 3  ? -7.932  10.492  3.935   1.00 1.85 ? 3  PRO A CB   1 
ATOM   37  C  CG   . PRO A 1 3  ? -7.145  10.819  5.220   1.00 2.21 ? 3  PRO A CG   1 
ATOM   38  C  CD   . PRO A 1 3  ? -7.055  9.552   6.041   1.00 1.88 ? 3  PRO A CD   1 
ATOM   39  H  HA   . PRO A 1 3  ? -8.658  8.494   3.320   1.00 1.54 ? 3  PRO A HA   1 
ATOM   40  H  HB2  . PRO A 1 3  ? -7.586  11.125  3.108   1.00 2.44 ? 3  PRO A HB2  1 
ATOM   41  H  HB3  . PRO A 1 3  ? -8.999  10.696  4.086   1.00 2.12 ? 3  PRO A HB3  1 
ATOM   42  H  HG2  . PRO A 1 3  ? -6.136  11.166  4.975   1.00 2.63 ? 3  PRO A HG2  1 
ATOM   43  H  HG3  . PRO A 1 3  ? -7.652  11.589  5.800   1.00 2.81 ? 3  PRO A HG3  1 
ATOM   44  H  HD2  . PRO A 1 3  ? -6.060  9.429   6.484   1.00 2.59 ? 3  PRO A HD2  1 
ATOM   45  H  HD3  . PRO A 1 3  ? -7.795  9.571   6.841   1.00 1.95 ? 3  PRO A HD3  1 
ATOM   46  N  N    . ASN A 1 4  ? -5.186  8.211   2.875   1.00 0.74 ? 4  ASN A N    1 
ATOM   47  C  CA   . ASN A 1 4  ? -3.949  7.865   1.903   1.00 0.75 ? 4  ASN A CA   1 
ATOM   48  C  C    . ASN A 1 4  ? -4.236  6.602   0.880   1.00 0.75 ? 4  ASN A C    1 
ATOM   49  O  O    . ASN A 1 4  ? -4.041  6.802   -0.336  1.00 1.37 ? 4  ASN A O    1 
ATOM   50  C  CB   . ASN A 1 4  ? -2.530  7.717   2.779   1.00 1.03 ? 4  ASN A CB   1 
ATOM   51  C  CG   . ASN A 1 4  ? -2.416  6.446   3.814   1.00 1.77 ? 4  ASN A CG   1 
ATOM   52  O  OD1  . ASN A 1 4  ? -1.826  5.430   3.466   1.00 2.47 ? 4  ASN A OD1  1 
ATOM   53  N  ND2  . ASN A 1 4  ? -2.966  6.428   5.033   1.00 2.12 ? 4  ASN A ND2  1 
ATOM   54  H  H    . ASN A 1 4  ? -4.992  8.148   3.841   1.00 0.78 ? 4  ASN A H    1 
ATOM   55  H  HA   . ASN A 1 4  ? -3.803  8.759   1.285   1.00 0.90 ? 4  ASN A HA   1 
ATOM   56  H  HB2  . ASN A 1 4  ? -1.698  7.679   2.086   1.00 1.68 ? 4  ASN A HB2  1 
ATOM   57  H  HB3  . ASN A 1 4  ? -2.401  8.635   3.347   1.00 1.36 ? 4  ASN A HB3  1 
ATOM   58  H  HD21 . ASN A 1 4  ? -3.469  7.196   5.415   1.00 1.67 ? 4  ASN A HD21 1 
ATOM   59  H  HD22 . ASN A 1 4  ? -2.909  5.602   5.549   1.00 2.95 ? 4  ASN A HD22 1 
ATOM   60  N  N    . CYS A 1 5  ? -4.660  5.272   1.384   1.00 0.60 ? 5  CYS A N    1 
ATOM   61  C  CA   . CYS A 1 5  ? -4.876  3.970   0.431   1.00 0.81 ? 5  CYS A CA   1 
ATOM   62  C  C    . CYS A 1 5  ? -6.123  2.918   0.740   1.00 0.74 ? 5  CYS A C    1 
ATOM   63  O  O    . CYS A 1 5  ? -6.693  2.935   1.844   1.00 0.75 ? 5  CYS A O    1 
ATOM   64  C  CB   . CYS A 1 5  ? -3.363  3.272   0.261   1.00 1.17 ? 5  CYS A CB   1 
ATOM   65  S  SG   . CYS A 1 5  ? -2.790  1.804   1.211   1.00 0.98 ? 5  CYS A SG   1 
ATOM   66  H  H    . CYS A 1 5  ? -4.777  5.133   2.361   1.00 0.93 ? 5  CYS A H    1 
ATOM   67  H  HA   . CYS A 1 5  ? -5.143  4.360   -0.563  1.00 1.08 ? 5  CYS A HA   1 
ATOM   68  H  HB2  . CYS A 1 5  ? -3.354  2.943   -0.703  1.00 1.59 ? 5  CYS A HB2  1 
ATOM   69  H  HB3  . CYS A 1 5  ? -2.579  4.031   0.334   1.00 1.44 ? 5  CYS A HB3  1 
ATOM   70  H  HG   . CYS A 1 5  ? -2.203  1.296   0.677   1.00 1.12 ? 5  CYS A HG   1 
ATOM   71  N  N    . SER A 1 6  ? -6.446  1.950   -0.320  1.00 0.83 ? 6  SER A N    1 
ATOM   72  C  CA   . SER A 1 6  ? -7.545  0.760   -0.300  1.00 0.94 ? 6  SER A CA   1 
ATOM   73  C  C    . SER A 1 6  ? -6.871  -0.679  -0.892  1.00 1.07 ? 6  SER A C    1 
ATOM   74  O  O    . SER A 1 6  ? -7.447  -1.349  -1.801  1.00 1.62 ? 6  SER A O    1 
ATOM   75  C  CB   . SER A 1 6  ? -8.869  1.301   -1.091  1.00 1.19 ? 6  SER A CB   1 
ATOM   76  O  OG   . SER A 1 6  ? -9.375  2.534   -0.496  1.00 1.60 ? 6  SER A OG   1 
ATOM   77  H  H    . SER A 1 6  ? -5.901  2.002   -1.149  1.00 0.91 ? 6  SER A H    1 
ATOM   78  H  HA   . SER A 1 6  ? -7.826  0.558   0.725   1.00 0.94 ? 6  SER A HA   1 
ATOM   79  H  HB2  . SER A 1 6  ? -8.628  1.469   -2.140  1.00 1.70 ? 6  SER A HB2  1 
ATOM   80  H  HB3  . SER A 1 6  ? -9.645  0.532   -1.032  1.00 1.68 ? 6  SER A HB3  1 
ATOM   81  H  HG   . SER A 1 6  ? -10.007 2.952   -1.091  1.00 1.90 ? 6  SER A HG   1 
ATOM   82  N  N    . CYS A 1 7  ? -5.619  -1.139  -0.307  1.00 0.94 ? 7  CYS A N    1 
ATOM   83  C  CA   . CYS A 1 7  ? -4.779  -2.513  -0.701  1.00 1.07 ? 7  CYS A CA   1 
ATOM   84  C  C    . CYS A 1 7  ? -5.549  -3.942  -0.237  1.00 1.28 ? 7  CYS A C    1 
ATOM   85  O  O    . CYS A 1 7  ? -5.151  -4.994  -0.782  1.00 1.84 ? 7  CYS A O    1 
ATOM   86  C  CB   . CYS A 1 7  ? -3.240  -2.428  -0.007  1.00 1.04 ? 7  CYS A CB   1 
ATOM   87  S  SG   . CYS A 1 7  ? -1.897  -1.500  -0.933  1.00 1.19 ? 7  CYS A SG   1 
ATOM   88  H  H    . CYS A 1 7  ? -5.236  -0.579  0.420   1.00 1.13 ? 7  CYS A H    1 
ATOM   89  H  HA   . CYS A 1 7  ? -4.701  -2.552  -1.796  1.00 1.18 ? 7  CYS A HA   1 
ATOM   90  H  HB2  . CYS A 1 7  ? -3.318  -1.996  0.971   1.00 1.11 ? 7  CYS A HB2  1 
ATOM   91  H  HB3  . CYS A 1 7  ? -2.862  -3.421  0.149   1.00 1.18 ? 7  CYS A HB3  1 
ATOM   92  H  HG   . CYS A 1 7  ? -1.366  -1.022  -0.286  1.00 1.52 ? 7  CYS A HG   1 
ATOM   93  N  N    . SER A 1 8  ? -6.617  -3.954  0.772   1.00 1.52 ? 8  SER A N    1 
ATOM   94  C  CA   . SER A 1 8  ? -7.519  -5.178  1.438   1.00 1.77 ? 8  SER A CA   1 
ATOM   95  C  C    . SER A 1 8  ? -7.161  -5.352  3.073   1.00 1.49 ? 8  SER A C    1 
ATOM   96  O  O    . SER A 1 8  ? -7.127  -4.274  3.733   1.00 1.80 ? 8  SER A O    1 
ATOM   97  C  CB   . SER A 1 8  ? -7.597  -6.552  0.530   1.00 2.12 ? 8  SER A CB   1 
ATOM   98  O  OG   . SER A 1 8  ? -8.772  -7.346  0.873   1.00 2.32 ? 8  SER A OG   1 
ATOM   99  H  H    . SER A 1 8  ? -6.859  -3.068  1.153   1.00 1.92 ? 8  SER A H    1 
ATOM   100 H  HA   . SER A 1 8  ? -8.546  -4.767  1.442   1.00 2.32 ? 8  SER A HA   1 
ATOM   101 H  HB2  . SER A 1 8  ? -7.653  -6.284  -0.525  1.00 2.46 ? 8  SER A HB2  1 
ATOM   102 H  HB3  . SER A 1 8  ? -6.686  -7.134  0.685   1.00 2.63 ? 8  SER A HB3  1 
ATOM   103 H  HG   . SER A 1 8  ? -8.837  -8.114  0.277   1.00 2.89 ? 8  SER A HG   1 
ATOM   104 N  N    . THR A 1 9  ? -6.981  -6.641  3.795   1.00 1.79 ? 9  THR A N    1 
ATOM   105 C  CA   . THR A 1 9  ? -6.720  -6.793  5.423   1.00 1.95 ? 9  THR A CA   1 
ATOM   106 C  C    . THR A 1 9  ? -5.818  -8.138  5.858   1.00 1.66 ? 9  THR A C    1 
ATOM   107 O  O    . THR A 1 9  ? -5.024  -7.990  6.798   1.00 2.28 ? 9  THR A O    1 
ATOM   108 C  CB   . THR A 1 9  ? -8.236  -6.806  6.216   1.00 3.03 ? 9  THR A CB   1 
ATOM   109 O  OG1  . THR A 1 9  ? -9.190  -5.850  5.622   1.00 3.81 ? 9  THR A OG1  1 
ATOM   110 C  CG2  . THR A 1 9  ? -8.202  -6.429  7.794   1.00 3.79 ? 9  THR A CG2  1 
ATOM   111 H  H    . THR A 1 9  ? -7.077  -7.482  3.282   1.00 2.33 ? 9  THR A H    1 
ATOM   112 H  HA   . THR A 1 9  ? -6.161  -5.903  5.753   1.00 2.29 ? 9  THR A HA   1 
ATOM   113 H  HB   . THR A 1 9  ? -8.676  -7.813  6.135   1.00 3.22 ? 9  THR A HB   1 
ATOM   114 H  HG1  . THR A 1 9  ? -9.710  -6.274  4.918   1.00 4.21 ? 9  THR A HG1  1 
ATOM   115 H  HG21 . THR A 1 9  ? -7.595  -7.151  8.328   1.00 4.37 ? 9  THR A HG21 1 
ATOM   116 H  HG22 . THR A 1 9  ? -9.204  -6.455  8.214   1.00 4.24 ? 9  THR A HG22 1 
ATOM   117 H  HG23 . THR A 1 9  ? -7.784  -5.436  7.942   1.00 3.78 ? 9  THR A HG23 1 
ATOM   118 N  N    . GLY A 1 10 ? -6.060  -9.424  5.237   1.00 1.71 ? 10 GLY A N    1 
ATOM   119 C  CA   . GLY A 1 10 ? -5.422  -10.860 5.563   1.00 2.35 ? 10 GLY A CA   1 
ATOM   120 C  C    . GLY A 1 10 ? -3.821  -11.017 5.869   1.00 2.50 ? 10 GLY A C    1 
ATOM   121 O  O    . GLY A 1 10 ? -3.373  -10.463 6.894   1.00 3.27 ? 10 GLY A O    1 
ATOM   122 H  H    . GLY A 1 10 ? -6.773  -9.466  4.562   1.00 1.99 ? 10 GLY A H    1 
ATOM   123 H  HA2  . GLY A 1 10 ? -5.945  -11.245 6.428   1.00 2.66 ? 10 GLY A HA2  1 
ATOM   124 H  HA3  . GLY A 1 10 ? -5.683  -11.520 4.734   1.00 2.98 ? 10 GLY A HA3  1 
ATOM   125 N  N    . GLY A 1 11 ? -2.989  -11.837 5.016   1.00 2.26 ? 11 GLY A N    1 
ATOM   126 C  CA   . GLY A 1 11 ? -1.451  -12.146 5.216   1.00 2.82 ? 11 GLY A CA   1 
ATOM   127 C  C    . GLY A 1 11 ? -0.497  -11.229 4.295   1.00 2.40 ? 11 GLY A C    1 
ATOM   128 O  O    . GLY A 1 11 ? 0.329   -10.491 4.884   1.00 2.92 ? 11 GLY A O    1 
ATOM   129 H  H    . GLY A 1 11 ? -3.413  -12.302 4.237   1.00 2.12 ? 11 GLY A H    1 
ATOM   130 H  HA2  . GLY A 1 11 ? -1.162  -12.061 6.272   1.00 3.24 ? 11 GLY A HA2  1 
ATOM   131 H  HA3  . GLY A 1 11 ? -1.285  -13.178 4.934   1.00 3.39 ? 11 GLY A HA3  1 
ATOM   132 N  N    . SER A 1 12 ? -0.589  -11.298 2.853   1.00 1.86 ? 12 SER A N    1 
ATOM   133 C  CA   . SER A 1 12 ? 0.341   -10.474 1.792   1.00 1.65 ? 12 SER A CA   1 
ATOM   134 C  C    . SER A 1 12 ? -0.523  -9.570  0.695   1.00 1.42 ? 12 SER A C    1 
ATOM   135 O  O    . SER A 1 12 ? -1.567  -10.060 0.198   1.00 1.55 ? 12 SER A O    1 
ATOM   136 C  CB   . SER A 1 12 ? 1.308   -11.591 1.066   1.00 1.98 ? 12 SER A CB   1 
ATOM   137 O  OG   . SER A 1 12 ? 2.359   -10.960 0.259   1.00 2.53 ? 12 SER A OG   1 
ATOM   138 H  H    . SER A 1 12 ? -1.277  -11.927 2.455   1.00 1.99 ? 12 SER A H    1 
ATOM   139 H  HA   . SER A 1 12 ? 1.007   -9.786  2.344   1.00 1.78 ? 12 SER A HA   1 
ATOM   140 H  HB2  . SER A 1 12 ? 1.805   -12.193 1.828   1.00 2.42 ? 12 SER A HB2  1 
ATOM   141 H  HB3  . SER A 1 12 ? 0.704   -12.274 0.444   1.00 2.19 ? 12 SER A HB3  1 
ATOM   142 H  HG   . SER A 1 12 ? 2.885   -11.638 -0.196  1.00 2.75 ? 12 SER A HG   1 
ATOM   143 N  N    . CYS A 1 13 ? 0.006   -8.284  0.281   1.00 1.24 ? 13 CYS A N    1 
ATOM   144 C  CA   . CYS A 1 13 ? -0.598  -7.258  -0.847  1.00 1.27 ? 13 CYS A CA   1 
ATOM   145 C  C    . CYS A 1 13 ? 0.377   -7.091  -2.211  1.00 1.48 ? 13 CYS A C    1 
ATOM   146 O  O    . CYS A 1 13 ? -0.130  -6.558  -3.222  1.00 1.97 ? 13 CYS A O    1 
ATOM   147 C  CB   . CYS A 1 13 ? -1.008  -5.814  -0.126  1.00 0.96 ? 13 CYS A CB   1 
ATOM   148 S  SG   . CYS A 1 13 ? 0.343   -4.646  0.462   1.00 1.08 ? 13 CYS A SG   1 
ATOM   149 H  H    . CYS A 1 13 ? 0.870   -7.992  0.686   1.00 1.24 ? 13 CYS A H    1 
ATOM   150 H  HA   . CYS A 1 13 ? -1.542  -7.688  -1.218  1.00 1.57 ? 13 CYS A HA   1 
ATOM   151 H  HB2  . CYS A 1 13 ? -1.593  -5.251  -0.832  1.00 1.35 ? 13 CYS A HB2  1 
ATOM   152 H  HB3  . CYS A 1 13 ? -1.667  -6.027  0.714   1.00 1.34 ? 13 CYS A HB3  1 
ATOM   153 H  HG   . CYS A 1 13 ? 0.658   -4.978  1.304   1.00 1.60 ? 13 CYS A HG   1 
ATOM   154 N  N    . THR A 1 14 ? 1.777   -7.509  -2.208  1.00 1.74 ? 14 THR A N    1 
ATOM   155 C  CA   . THR A 1 14 ? 2.925   -7.419  -3.346  1.00 1.92 ? 14 THR A CA   1 
ATOM   156 C  C    . THR A 1 14 ? 3.677   -5.951  -3.260  1.00 1.53 ? 14 THR A C    1 
ATOM   157 O  O    . THR A 1 14 ? 4.649   -5.871  -2.485  1.00 2.30 ? 14 THR A O    1 
ATOM   158 C  CB   . THR A 1 14 ? 2.487   -7.963  -4.931  1.00 2.55 ? 14 THR A CB   1 
ATOM   159 O  OG1  . THR A 1 14 ? 1.183   -8.623  -5.009  1.00 3.07 ? 14 THR A OG1  1 
ATOM   160 C  CG2  . THR A 1 14 ? 3.526   -9.001  -5.564  1.00 3.08 ? 14 THR A CG2  1 
ATOM   161 H  H    . THR A 1 14 ? 2.123   -7.881  -1.366  1.00 2.16 ? 14 THR A H    1 
ATOM   162 H  HA   . THR A 1 14 ? 3.690   -8.134  -2.967  1.00 2.08 ? 14 THR A HA   1 
ATOM   163 H  HB   . THR A 1 14 ? 2.472   -7.106  -5.612  1.00 2.85 ? 14 THR A HB   1 
ATOM   164 H  HG1  . THR A 1 14 ? 0.499   -7.977  -5.238  1.00 3.67 ? 14 THR A HG1  1 
ATOM   165 H  HG21 . THR A 1 14 ? 3.494   -9.943  -5.023  1.00 3.16 ? 14 THR A HG21 1 
ATOM   166 H  HG22 . THR A 1 14 ? 4.526   -8.610  -5.516  1.00 3.62 ? 14 THR A HG22 1 
ATOM   167 H  HG23 . THR A 1 14 ? 3.284   -9.184  -6.607  1.00 3.48 ? 14 THR A HG23 1 
ATOM   168 N  N    . CYS A 1 15 ? 3.264   -4.763  -4.046  1.00 0.87 ? 15 CYS A N    1 
ATOM   169 C  CA   . CYS A 1 15 ? 3.957   -3.251  -4.069  1.00 0.86 ? 15 CYS A CA   1 
ATOM   170 C  C    . CYS A 1 15 ? 5.566   -3.394  -4.575  1.00 1.29 ? 15 CYS A C    1 
ATOM   171 O  O    . CYS A 1 15 ? 6.493   -3.339  -3.723  1.00 1.70 ? 15 CYS A O    1 
ATOM   172 C  CB   . CYS A 1 15 ? 3.711   -2.481  -2.577  1.00 0.85 ? 15 CYS A CB   1 
ATOM   173 S  SG   . CYS A 1 15 ? 2.055   -1.641  -2.315  1.00 1.18 ? 15 CYS A SG   1 
ATOM   174 H  H    . CYS A 1 15 ? 2.493   -4.873  -4.655  1.00 1.25 ? 15 CYS A H    1 
ATOM   175 H  HA   . CYS A 1 15 ? 3.457   -2.686  -4.867  1.00 1.19 ? 15 CYS A HA   1 
ATOM   176 H  HB2  . CYS A 1 15 ? 3.837   -3.207  -1.786  1.00 0.97 ? 15 CYS A HB2  1 
ATOM   177 H  HB3  . CYS A 1 15 ? 4.481   -1.714  -2.440  1.00 1.25 ? 15 CYS A HB3  1 
ATOM   178 H  HG   . CYS A 1 15 ? 1.868   -1.119  -3.098  1.00 1.33 ? 15 CYS A HG   1 
ATOM   179 N  N    . THR A 1 16 ? 5.826   -3.721  -5.963  1.00 1.56 ? 16 THR A N    1 
ATOM   180 C  CA   . THR A 1 16 ? 7.283   -4.069  -6.640  1.00 2.13 ? 16 THR A CA   1 
ATOM   181 C  C    . THR A 1 16 ? 7.882   -2.814  -7.540  1.00 1.96 ? 16 THR A C    1 
ATOM   182 O  O    . THR A 1 16 ? 8.239   -1.800  -6.898  1.00 2.34 ? 16 THR A O    1 
ATOM   183 C  CB   . THR A 1 16 ? 7.126   -5.578  -7.419  1.00 2.87 ? 16 THR A CB   1 
ATOM   184 O  OG1  . THR A 1 16 ? 6.027   -5.502  -8.422  1.00 3.52 ? 16 THR A OG1  1 
ATOM   185 C  CG2  . THR A 1 16 ? 6.840   -6.830  -6.432  1.00 3.11 ? 16 THR A CG2  1 
ATOM   186 H  H    . THR A 1 16 ? 5.033   -3.835  -6.574  1.00 1.59 ? 16 THR A H    1 
ATOM   187 H  HA   . THR A 1 16 ? 8.039   -4.203  -5.843  1.00 2.53 ? 16 THR A HA   1 
ATOM   188 H  HB   . THR A 1 16 ? 8.077   -5.774  -7.949  1.00 3.41 ? 16 THR A HB   1 
ATOM   189 H  HG1  . THR A 1 16 ? 6.250   -5.973  -9.253  1.00 3.78 ? 16 THR A HG1  1 
ATOM   190 H  HG21 . THR A 1 16 ? 7.724   -7.047  -5.855  1.00 3.60 ? 16 THR A HG21 1 
ATOM   191 H  HG22 . THR A 1 16 ? 6.573   -7.709  -7.006  1.00 3.33 ? 16 THR A HG22 1 
ATOM   192 H  HG23 . THR A 1 16 ? 6.019   -6.607  -5.753  1.00 3.22 ? 16 THR A HG23 1 
ATOM   193 N  N    . SER A 1 17 ? 8.028   -2.850  -9.001  1.00 1.95 ? 17 SER A N    1 
ATOM   194 C  CA   . SER A 1 17 ? 8.662   -1.667  -9.944  1.00 2.10 ? 17 SER A CA   1 
ATOM   195 C  C    . SER A 1 17 ? 7.715   -0.315  -10.056 1.00 1.56 ? 17 SER A C    1 
ATOM   196 O  O    . SER A 1 17 ? 8.300   0.791   -10.127 1.00 1.93 ? 17 SER A O    1 
ATOM   197 C  CB   . SER A 1 17 ? 8.965   -2.297  -11.433 1.00 2.84 ? 17 SER A CB   1 
ATOM   198 O  OG   . SER A 1 17 ? 9.927   -3.409  -11.378 1.00 3.40 ? 17 SER A OG   1 
ATOM   199 H  H    . SER A 1 17 ? 7.735   -3.666  -9.473  1.00 2.21 ? 17 SER A H    1 
ATOM   200 H  HA   . SER A 1 17 ? 9.637   -1.379  -9.517  1.00 2.56 ? 17 SER A HA   1 
ATOM   201 H  HB2  . SER A 1 17 ? 8.044   -2.656  -11.892 1.00 3.19 ? 17 SER A HB2  1 
ATOM   202 H  HB3  . SER A 1 17 ? 9.381   -1.523  -12.083 1.00 3.22 ? 17 SER A HB3  1 
ATOM   203 H  HG   . SER A 1 17 ? 9.478   -4.257  -11.188 1.00 3.69 ? 17 SER A HG   1 
ATOM   204 N  N    . SER A 1 18 ? 6.263   -0.426  -10.110 1.00 1.37 ? 18 SER A N    1 
ATOM   205 C  CA   . SER A 1 18 ? 5.197   0.786   -10.260 1.00 1.71 ? 18 SER A CA   1 
ATOM   206 C  C    . SER A 1 18 ? 3.877   0.596   -9.254  1.00 1.37 ? 18 SER A C    1 
ATOM   207 O  O    . SER A 1 18 ? 3.285   -0.520  -9.252  1.00 1.89 ? 18 SER A O    1 
ATOM   208 C  CB   . SER A 1 18 ? 4.823   0.875   -11.850 1.00 2.64 ? 18 SER A CB   1 
ATOM   209 O  OG   . SER A 1 18 ? 4.095   2.106   -12.160 1.00 3.13 ? 18 SER A OG   1 
ATOM   210 H  H    . SER A 1 18 ? 5.868   -1.332  -10.070 1.00 1.61 ? 18 SER A H    1 
ATOM   211 H  HA   . SER A 1 18 ? 5.693   1.713   -9.980  1.00 2.02 ? 18 SER A HA   1 
ATOM   212 H  HB2  . SER A 1 18 ? 5.752   0.878   -12.432 1.00 3.00 ? 18 SER A HB2  1 
ATOM   213 H  HB3  . SER A 1 18 ? 4.242   -0.006  -12.147 1.00 2.81 ? 18 SER A HB3  1 
ATOM   214 H  HG   . SER A 1 18 ? 3.959   2.186   -13.119 1.00 3.51 ? 18 SER A HG   1 
ATOM   215 N  N    . CYS A 1 19 ? 3.431   1.691   -8.437  1.00 0.93 ? 19 CYS A N    1 
ATOM   216 C  CA   . CYS A 1 19 ? 2.163   1.685   -7.407  1.00 0.81 ? 19 CYS A CA   1 
ATOM   217 C  C    . CYS A 1 19 ? 0.925   2.587   -8.050  1.00 0.84 ? 19 CYS A C    1 
ATOM   218 O  O    . CYS A 1 19 ? 1.212   3.692   -8.585  1.00 1.12 ? 19 CYS A O    1 
ATOM   219 C  CB   . CYS A 1 19 ? 2.730   2.233   -5.918  1.00 1.10 ? 19 CYS A CB   1 
ATOM   220 S  SG   . CYS A 1 19 ? 1.652   1.909   -4.414  1.00 1.15 ? 19 CYS A SG   1 
ATOM   221 H  H    . CYS A 1 19 ? 3.936   2.556   -8.520  1.00 1.19 ? 19 CYS A H    1 
ATOM   222 H  HA   . CYS A 1 19 ? 1.802   0.647   -7.288  1.00 1.04 ? 19 CYS A HA   1 
ATOM   223 H  HB2  . CYS A 1 19 ? 3.685   1.762   -5.700  1.00 1.92 ? 19 CYS A HB2  1 
ATOM   224 H  HB3  . CYS A 1 19 ? 2.916   3.310   -5.975  1.00 1.63 ? 19 CYS A HB3  1 
ATOM   225 H  HG   . CYS A 1 19 ? 1.563   2.736   -3.939  1.00 1.45 ? 19 CYS A HG   1 
ATOM   226 N  N    . ALA A 1 20 ? -0.439  2.139   -7.901  1.00 0.90 ? 20 ALA A N    1 
ATOM   227 C  CA   . ALA A 1 20 ? -1.763  2.944   -8.390  1.00 1.09 ? 20 ALA A CA   1 
ATOM   228 C  C    . ALA A 1 20 ? -2.680  3.406   -7.084  1.00 1.03 ? 20 ALA A C    1 
ATOM   229 O  O    . ALA A 1 20 ? -3.933  3.217   -7.058  1.00 1.22 ? 20 ALA A O    1 
ATOM   230 C  CB   . ALA A 1 20 ? -2.472  2.061   -9.543  1.00 1.37 ? 20 ALA A CB   1 
ATOM   231 H  H    . ALA A 1 20 ? -0.604  1.296   -7.390  1.00 1.03 ? 20 ALA A H    1 
ATOM   232 H  HA   . ALA A 1 20 ? -1.465  3.877   -8.855  1.00 1.22 ? 20 ALA A HA   1 
ATOM   233 H  HB1  . ALA A 1 20 ? -2.796  1.099   -9.155  1.00 1.91 ? 20 ALA A HB1  1 
ATOM   234 H  HB2  . ALA A 1 20 ? -1.782  1.899   -10.363 1.00 1.73 ? 20 ALA A HB2  1 
ATOM   235 H  HB3  . ALA A 1 20 ? -3.332  2.597   -9.932  1.00 1.63 ? 20 ALA A HB3  1 
ATOM   236 N  N    . CYS A 1 21 ? -1.986  4.045   -5.989  1.00 0.85 ? 21 CYS A N    1 
ATOM   237 C  CA   . CYS A 1 21 ? -2.629  4.604   -4.607  1.00 0.91 ? 21 CYS A CA   1 
ATOM   238 C  C    . CYS A 1 21 ? -2.235  6.259   -4.467  1.00 0.93 ? 21 CYS A C    1 
ATOM   239 O  O    . CYS A 1 21 ? -2.528  6.988   -5.439  1.00 1.00 ? 21 CYS A O    1 
ATOM   240 C  CB   . CYS A 1 21 ? -2.037  3.636   -3.394  1.00 0.86 ? 21 CYS A CB   1 
ATOM   241 S  SG   . CYS A 1 21 ? -2.445  1.803   -3.308  1.00 0.96 ? 21 CYS A SG   1 
ATOM   242 H  H    . CYS A 1 21 ? -0.985  4.153   -6.074  1.00 0.77 ? 21 CYS A H    1 
ATOM   243 H  HA   . CYS A 1 21 ? -3.718  4.541   -4.623  1.00 1.06 ? 21 CYS A HA   1 
ATOM   244 H  HB2  . CYS A 1 21 ? -0.960  3.724   -3.379  1.00 0.73 ? 21 CYS A HB2  1 
ATOM   245 H  HB3  . CYS A 1 21 ? -2.382  4.081   -2.483  1.00 0.99 ? 21 CYS A HB3  1 
ATOM   246 H  HG   . CYS A 1 21 ? -1.627  1.304   -3.368  1.00 1.14 ? 21 CYS A HG   1 
ATOM   247 N  N    . LYS A 1 22 ? -1.577  6.829   -3.287  1.00 0.96 ? 22 LYS A N    1 
ATOM   248 C  CA   . LYS A 1 22 ? -1.086  8.341   -3.042  1.00 1.04 ? 22 LYS A CA   1 
ATOM   249 C  C    . LYS A 1 22 ? 0.481   8.235   -2.430  1.00 0.83 ? 22 LYS A C    1 
ATOM   250 O  O    . LYS A 1 22 ? 1.420   8.680   -3.122  1.00 0.81 ? 22 LYS A O    1 
ATOM   251 C  CB   . LYS A 1 22 ? -2.210  9.066   -2.051  1.00 1.26 ? 22 LYS A CB   1 
ATOM   252 C  CG   . LYS A 1 22 ? -2.148  10.711  -2.030  1.00 1.57 ? 22 LYS A CG   1 
ATOM   253 C  CD   . LYS A 1 22 ? -2.806  11.457  -0.732  1.00 1.74 ? 22 LYS A CD   1 
ATOM   254 C  CE   . LYS A 1 22 ? -2.824  13.100  -0.753  1.00 2.38 ? 22 LYS A CE   1 
ATOM   255 N  NZ   . LYS A 1 22 ? -3.680  13.726  -1.911  1.00 3.01 ? 22 LYS A NZ   1 
ATOM   256 H  H    . LYS A 1 22 ? -1.390  6.235   -2.541  1.00 0.95 ? 22 LYS A H    1 
ATOM   257 H  HA   . LYS A 1 22 ? -1.043  8.859   -4.003  1.00 1.20 ? 22 LYS A HA   1 
ATOM   258 H  HB2  . LYS A 1 22 ? -3.213  8.780   -2.399  1.00 1.42 ? 22 LYS A HB2  1 
ATOM   259 H  HB3  . LYS A 1 22 ? -2.097  8.652   -1.045  1.00 1.20 ? 22 LYS A HB3  1 
ATOM   260 H  HG2  . LYS A 1 22 ? -1.109  11.030  -2.101  1.00 1.94 ? 22 LYS A HG2  1 
ATOM   261 H  HG3  . LYS A 1 22 ? -2.665  11.045  -2.928  1.00 1.72 ? 22 LYS A HG3  1 
ATOM   262 H  HD2  . LYS A 1 22 ? -3.829  11.134  -0.599  1.00 1.68 ? 22 LYS A HD2  1 
ATOM   263 H  HD3  . LYS A 1 22 ? -2.241  11.161  0.152   1.00 2.18 ? 22 LYS A HD3  1 
ATOM   264 H  HE2  . LYS A 1 22 ? -3.254  13.427  0.184   1.00 2.87 ? 22 LYS A HE2  1 
ATOM   265 H  HE3  . LYS A 1 22 ? -1.806  13.480  -0.807  1.00 2.47 ? 22 LYS A HE3  1 
ATOM   266 H  HZ1  . LYS A 1 22 ? -3.318  13.447  -2.856  1.00 3.69 ? 22 LYS A HZ1  1 
ATOM   267 H  HZ2  . LYS A 1 22 ? -3.621  14.765  -1.842  1.00 3.03 ? 22 LYS A HZ2  1 
ATOM   268 H  HZ3  . LYS A 1 22 ? -4.691  13.452  -1.829  1.00 3.23 ? 22 LYS A HZ3  1 
ATOM   269 N  N    . ASN A 1 23 ? 0.709   7.563   -1.144  1.00 0.80 ? 23 ASN A N    1 
ATOM   270 C  CA   . ASN A 1 23 ? 2.125   7.277   -0.421  1.00 0.74 ? 23 ASN A CA   1 
ATOM   271 C  C    . ASN A 1 23 ? 2.167   5.681   0.125   1.00 0.92 ? 23 ASN A C    1 
ATOM   272 O  O    . ASN A 1 23 ? 2.996   4.933   -0.374  1.00 1.40 ? 23 ASN A O    1 
ATOM   273 C  CB   . ASN A 1 23 ? 2.323   8.428   0.762   1.00 1.03 ? 23 ASN A CB   1 
ATOM   274 C  CG   . ASN A 1 23 ? 3.877   8.737   1.158   1.00 1.29 ? 23 ASN A CG   1 
ATOM   275 O  OD1  . ASN A 1 23 ? 4.495   9.587   0.533   1.00 2.01 ? 23 ASN A OD1  1 
ATOM   276 N  ND2  . ASN A 1 23 ? 4.566   8.078   2.118   1.00 1.94 ? 23 ASN A ND2  1 
ATOM   277 H  H    . ASN A 1 23 ? -0.099  7.215   -0.672  1.00 0.89 ? 23 ASN A H    1 
ATOM   278 H  HA   . ASN A 1 23 ? 2.913   7.386   -1.182  1.00 0.76 ? 23 ASN A HA   1 
ATOM   279 H  HB2  . ASN A 1 23 ? 1.876   9.367   0.425   1.00 1.54 ? 23 ASN A HB2  1 
ATOM   280 H  HB3  . ASN A 1 23 ? 1.777   8.134   1.657   1.00 1.71 ? 23 ASN A HB3  1 
ATOM   281 H  HD21 . ASN A 1 23 ? 4.174   7.332   2.647   1.00 2.32 ? 23 ASN A HD21 1 
ATOM   282 H  HD22 . ASN A 1 23 ? 5.486   8.363   2.317   1.00 2.52 ? 23 ASN A HD22 1 
ATOM   283 N  N    . CYS A 1 24 ? 1.210   5.202   1.123   1.00 0.89 ? 24 CYS A N    1 
ATOM   284 C  CA   . CYS A 1 24 ? 1.029   3.711   1.824   1.00 1.08 ? 24 CYS A CA   1 
ATOM   285 C  C    . CYS A 1 24 ? 2.053   3.479   3.116   1.00 1.19 ? 24 CYS A C    1 
ATOM   286 O  O    . CYS A 1 24 ? 3.204   3.956   3.037   1.00 1.55 ? 24 CYS A O    1 
ATOM   287 C  CB   . CYS A 1 24 ? 1.150   2.311   0.872   1.00 1.00 ? 24 CYS A CB   1 
ATOM   288 S  SG   . CYS A 1 24 ? 0.552   2.249   -0.835  1.00 0.95 ? 24 CYS A SG   1 
ATOM   289 H  H    . CYS A 1 24 ? 0.558   5.877   1.453   1.00 1.04 ? 24 CYS A H    1 
ATOM   290 H  HA   . CYS A 1 24 ? 0.008   3.720   2.229   1.00 1.32 ? 24 CYS A HA   1 
ATOM   291 H  HB2  . CYS A 1 24 ? 2.151   1.975   0.819   1.00 1.03 ? 24 CYS A HB2  1 
ATOM   292 H  HB3  . CYS A 1 24 ? 0.602   1.538   1.401   1.00 1.13 ? 24 CYS A HB3  1 
ATOM   293 H  HG   . CYS A 1 24 ? 0.778   1.389   -1.201  1.00 1.28 ? 24 CYS A HG   1 
ATOM   294 N  N    . LYS A 1 25 ? 1.652   2.583   4.210   1.00 1.43 ? 25 LYS A N    1 
ATOM   295 C  CA   . LYS A 1 25 ? 2.590   2.085   5.440   1.00 1.60 ? 25 LYS A CA   1 
ATOM   296 C  C    . LYS A 1 25 ? 2.962   0.473   5.095   1.00 1.47 ? 25 LYS A C    1 
ATOM   297 O  O    . LYS A 1 25 ? 2.443   -0.448  5.784   1.00 1.71 ? 25 LYS A O    1 
ATOM   298 C  CB   . LYS A 1 25 ? 1.767   2.384   6.880   1.00 1.99 ? 25 LYS A CB   1 
ATOM   299 C  CG   . LYS A 1 25 ? 2.651   2.151   8.243   1.00 2.45 ? 25 LYS A CG   1 
ATOM   300 C  CD   . LYS A 1 25 ? 1.858   2.293   9.697   1.00 2.93 ? 25 LYS A CD   1 
ATOM   301 C  CE   . LYS A 1 25 ? 2.705   3.023   10.902  1.00 3.42 ? 25 LYS A CE   1 
ATOM   302 N  NZ   . LYS A 1 25 ? 2.857   4.569   10.693  1.00 4.45 ? 25 LYS A NZ   1 
ATOM   303 H  H    . LYS A 1 25 ? 0.744   2.149   4.133   1.00 1.77 ? 25 LYS A H    1 
ATOM   304 H  HA   . LYS A 1 25 ? 3.537   2.653   5.446   1.00 1.63 ? 25 LYS A HA   1 
ATOM   305 H  HB2  . LYS A 1 25 ? 1.435   3.418   6.880   1.00 2.31 ? 25 LYS A HB2  1 
ATOM   306 H  HB3  . LYS A 1 25 ? 0.882   1.750   6.909   1.00 2.37 ? 25 LYS A HB3  1 
ATOM   307 H  HG2  . LYS A 1 25 ? 3.068   1.142   8.206   1.00 2.69 ? 25 LYS A HG2  1 
ATOM   308 H  HG3  . LYS A 1 25 ? 3.488   2.848   8.206   1.00 2.89 ? 25 LYS A HG3  1 
ATOM   309 H  HD2  . LYS A 1 25 ? 0.900   2.816   9.594   1.00 3.12 ? 25 LYS A HD2  1 
ATOM   310 H  HD3  . LYS A 1 25 ? 1.625   1.287   10.037  1.00 3.18 ? 25 LYS A HD3  1 
ATOM   311 H  HE2  . LYS A 1 25 ? 2.181   2.862   11.837  1.00 3.72 ? 25 LYS A HE2  1 
ATOM   312 H  HE3  . LYS A 1 25 ? 3.696   2.573   10.995  1.00 3.29 ? 25 LYS A HE3  1 
ATOM   313 H  HZ1  . LYS A 1 25 ? 3.347   4.790   9.787   1.00 4.67 ? 25 LYS A HZ1  1 
ATOM   314 H  HZ2  . LYS A 1 25 ? 3.434   4.962   11.473  1.00 4.90 ? 25 LYS A HZ2  1 
ATOM   315 H  HZ3  . LYS A 1 25 ? 1.922   5.049   10.712  1.00 4.86 ? 25 LYS A HZ3  1 
ATOM   316 N  N    . CYS A 1 26 ? 3.797   0.169   3.942   1.00 1.16 ? 26 CYS A N    1 
ATOM   317 C  CA   . CYS A 1 26 ? 4.164   -1.325  3.382   1.00 1.12 ? 26 CYS A CA   1 
ATOM   318 C  C    . CYS A 1 26 ? 5.812   -1.629  3.496   1.00 1.21 ? 26 CYS A C    1 
ATOM   319 O  O    . CYS A 1 26 ? 6.272   -1.618  4.663   1.00 1.68 ? 26 CYS A O    1 
ATOM   320 C  CB   . CYS A 1 26 ? 3.461   -1.447  1.857   1.00 0.94 ? 26 CYS A CB   1 
ATOM   321 S  SG   . CYS A 1 26 ? 1.586   -1.572  1.763   1.00 0.99 ? 26 CYS A SG   1 
ATOM   322 H  H    . CYS A 1 26 ? 4.135   0.932   3.392   1.00 1.04 ? 26 CYS A H    1 
ATOM   323 H  HA   . CYS A 1 26 ? 3.712   -2.103  4.034   1.00 1.28 ? 26 CYS A HA   1 
ATOM   324 H  HB2  . CYS A 1 26 ? 3.751   -0.584  1.273   1.00 0.86 ? 26 CYS A HB2  1 
ATOM   325 H  HB3  . CYS A 1 26 ? 3.863   -2.323  1.365   1.00 1.01 ? 26 CYS A HB3  1 
ATOM   326 H  HG   . CYS A 1 26 ? 1.290   -2.143  2.474   1.00 1.39 ? 26 CYS A HG   1 
ATOM   327 N  N    . THR A 1 27 ? 6.699   -1.947  2.356   1.00 1.26 ? 27 THR A N    1 
ATOM   328 C  CA   . THR A 1 27 ? 8.298   -2.306  2.448   1.00 1.35 ? 27 THR A CA   1 
ATOM   329 C  C    . THR A 1 27 ? 9.172   -0.986  1.981   1.00 1.30 ? 27 THR A C    1 
ATOM   330 O  O    . THR A 1 27 ? 9.530   -0.206  2.895   1.00 1.85 ? 27 THR A O    1 
ATOM   331 C  CB   . THR A 1 27 ? 8.615   -3.758  1.619   1.00 1.34 ? 27 THR A CB   1 
ATOM   332 O  OG1  . THR A 1 27 ? 8.447   -3.683  0.146   1.00 1.35 ? 27 THR A OG1  1 
ATOM   333 C  CG2  . THR A 1 27 ? 7.838   -5.067  2.185   1.00 1.94 ? 27 THR A CG2  1 
ATOM   334 H  H    . THR A 1 27 ? 6.302   -1.969  1.448   1.00 1.58 ? 27 THR A H    1 
ATOM   335 H  HA   . THR A 1 27 ? 8.568   -2.480  3.498   1.00 1.66 ? 27 THR A HA   1 
ATOM   336 H  HB   . THR A 1 27 ? 9.673   -3.957  1.770   1.00 1.65 ? 27 THR A HB   1 
ATOM   337 H  HG1  . THR A 1 27 ? 7.615   -3.255  -0.139  1.00 1.66 ? 27 THR A HG1  1 
ATOM   338 H  HG21 . THR A 1 27 ? 8.039   -5.204  3.248   1.00 2.19 ? 27 THR A HG21 1 
ATOM   339 H  HG22 . THR A 1 27 ? 8.170   -5.950  1.659   1.00 2.36 ? 27 THR A HG22 1 
ATOM   340 H  HG23 . THR A 1 27 ? 6.774   -4.949  2.036   1.00 2.53 ? 27 THR A HG23 1 
ATOM   341 N  N    . SER A 1 28 ? 9.438   -0.652  0.577   1.00 1.05 ? 28 SER A N    1 
ATOM   342 C  CA   . SER A 1 28 ? 10.203  0.714   0.067   1.00 1.30 ? 28 SER A CA   1 
ATOM   343 C  C    . SER A 1 28 ? 9.159   2.023   -0.036  1.00 1.34 ? 28 SER A C    1 
ATOM   344 O  O    . SER A 1 28 ? 9.647   3.140   -0.351  1.00 1.79 ? 28 SER A O    1 
ATOM   345 C  CB   . SER A 1 28 ? 11.006  0.370   -1.326  1.00 1.41 ? 28 SER A CB   1 
ATOM   346 O  OG   . SER A 1 28 ? 11.918  1.453   -1.723  1.00 2.01 ? 28 SER A OG   1 
ATOM   347 H  H    . SER A 1 28 ? 9.056   -1.251  -0.127  1.00 1.11 ? 28 SER A H    1 
ATOM   348 H  HA   . SER A 1 28 ? 10.960  0.992   0.817   1.00 1.59 ? 28 SER A HA   1 
ATOM   349 H  HB2  . SER A 1 28 ? 11.621  -0.507  -1.171  1.00 1.56 ? 28 SER A HB2  1 
ATOM   350 H  HB3  . SER A 1 28 ? 10.293  0.145   -2.125  1.00 1.54 ? 28 SER A HB3  1 
ATOM   351 H  HG   . SER A 1 28 ? 11.507  2.018   -2.401  1.00 2.39 ? 28 SER A HG   1 
ATOM   352 N  N    . CYS A 1 29 ? 7.737   1.912   0.333   1.00 1.04 ? 29 CYS A N    1 
ATOM   353 C  CA   . CYS A 1 29 ? 6.614   3.094   0.363   1.00 1.22 ? 29 CYS A CA   1 
ATOM   354 C  C    . CYS A 1 29 ? 6.949   4.015   1.723   1.00 1.51 ? 29 CYS A C    1 
ATOM   355 O  O    . CYS A 1 29 ? 7.442   5.154   1.544   1.00 1.77 ? 29 CYS A O    1 
ATOM   356 C  CB   . CYS A 1 29 ? 5.097   2.360   0.317   1.00 1.12 ? 29 CYS A CB   1 
ATOM   357 S  SG   . CYS A 1 29 ? 4.566   1.673   -1.371  1.00 0.93 ? 29 CYS A SG   1 
ATOM   358 H  H    . CYS A 1 29 ? 7.414   1.040   0.657   1.00 0.88 ? 29 CYS A H    1 
ATOM   359 H  HA   . CYS A 1 29 ? 6.747   3.736   -0.526  1.00 1.34 ? 29 CYS A HA   1 
ATOM   360 H  HB2  . CYS A 1 29 ? 5.079   1.526   1.020   1.00 1.15 ? 29 CYS A HB2  1 
ATOM   361 H  HB3  . CYS A 1 29 ? 4.358   3.052   0.651   1.00 1.33 ? 29 CYS A HB3  1 
ATOM   362 H  HG   . CYS A 1 29 ? 5.155   0.946   -1.590  1.00 0.96 ? 29 CYS A HG   1 
ATOM   363 N  N    . LYS A 1 30 ? 6.840   3.433   3.058   1.00 1.57 ? 30 LYS A N    1 
ATOM   364 C  CA   . LYS A 1 30 ? 7.312   4.103   4.489   1.00 1.90 ? 30 LYS A CA   1 
ATOM   365 C  C    . LYS A 1 30 ? 7.468   2.966   5.670   1.00 2.52 ? 30 LYS A C    1 
ATOM   366 O  O    . LYS A 1 30 ? 6.563   2.147   5.831   1.00 2.88 ? 30 LYS A O    1 
ATOM   367 C  CB   . LYS A 1 30 ? 6.376   5.416   4.949   1.00 2.05 ? 30 LYS A CB   1 
ATOM   368 C  CG   . LYS A 1 30 ? 7.045   6.348   6.153   1.00 2.69 ? 30 LYS A CG   1 
ATOM   369 C  CD   . LYS A 1 30 ? 6.480   7.883   6.350   1.00 3.33 ? 30 LYS A CD   1 
ATOM   370 C  CE   . LYS A 1 30 ? 7.659   8.982   6.718   1.00 4.14 ? 30 LYS A CE   1 
ATOM   371 N  NZ   . LYS A 1 30 ? 7.092   10.407  7.000   1.00 4.90 ? 30 LYS A NZ   1 
ATOM   372 O  OXT  . LYS A 1 30 ? 8.482   2.981   6.384   1.00 3.22 ? 30 LYS A OXT  1 
ATOM   373 H  H    . LYS A 1 30 ? 6.538   2.479   3.092   1.00 1.48 ? 30 LYS A H    1 
ATOM   374 H  HA   . LYS A 1 30 ? 8.328   4.484   4.292   1.00 2.46 ? 30 LYS A HA   1 
ATOM   375 H  HB2  . LYS A 1 30 ? 6.246   6.035   4.063   1.00 2.34 ? 30 LYS A HB2  1 
ATOM   376 H  HB3  . LYS A 1 30 ? 5.389   5.086   5.261   1.00 2.35 ? 30 LYS A HB3  1 
ATOM   377 H  HG2  . LYS A 1 30 ? 6.893   5.812   7.084   1.00 3.12 ? 30 LYS A HG2  1 
ATOM   378 H  HG3  . LYS A 1 30 ? 8.126   6.385   5.983   1.00 2.94 ? 30 LYS A HG3  1 
ATOM   379 H  HD2  . LYS A 1 30 ? 5.969   8.233   5.454   1.00 3.45 ? 30 LYS A HD2  1 
ATOM   380 H  HD3  . LYS A 1 30 ? 5.758   7.878   7.160   1.00 3.69 ? 30 LYS A HD3  1 
ATOM   381 H  HE2  . LYS A 1 30 ? 8.195   8.661   7.610   1.00 4.53 ? 30 LYS A HE2  1 
ATOM   382 H  HE3  . LYS A 1 30 ? 8.371   9.045   5.888   1.00 4.23 ? 30 LYS A HE3  1 
ATOM   383 H  HZ1  . LYS A 1 30 ? 7.897   11.052  7.197   1.00 5.37 ? 30 LYS A HZ1  1 
ATOM   384 H  HZ2  . LYS A 1 30 ? 6.473   10.405  7.848   1.00 5.05 ? 30 LYS A HZ2  1 
ATOM   385 H  HZ3  . LYS A 1 30 ? 6.563   10.794  6.177   1.00 5.17 ? 30 LYS A HZ3  1 
HETATM 386 CD CD   . CD  B 2 .  ? 2.258   0.910   -2.159  1.00 0.72 ? 31 CD  A CD   1 
HETATM 387 CD CD   . CD  C 2 .  ? -1.679  1.036   -0.971  1.00 0.95 ? 32 CD  A CD   1 
HETATM 388 CD CD   . CD  D 2 .  ? 0.480   -2.261  -0.408  1.00 0.99 ? 33 CD  A CD   1 
# 
